data_7EJC
#
_entry.id   7EJC
#
loop_
_entity.id
_entity.type
_entity.pdbx_description
1 polymer "DNA (5'-D(P*TP*TP*TP*TP*TP*TP*TP*TP*T)-3')"
2 polymer 'DNA repair protein RAD51 homolog 1'
3 non-polymer 'MAGNESIUM ION'
4 non-polymer 4-bromanyl-N-(4-bromophenyl)-3-[(phenylmethyl)sulfamoyl]benzamide
5 non-polymer 'PHOSPHOAMINOPHOSPHONIC ACID-ADENYLATE ESTER'
#
loop_
_entity_poly.entity_id
_entity_poly.type
_entity_poly.pdbx_seq_one_letter_code
_entity_poly.pdbx_strand_id
1 'polydeoxyribonucleotide' (DT)(DT)(DT)(DT)(DT)(DT)(DT)(DT)(DT) G
2 'polypeptide(L)'
;MAMQMQLEANADTSVEEESFGPQPISRLEQCGINANDVKKLEEAGFHTVEAVAYAPKKELINIKGISEAKADKILAEAAK
LVPMGFTTATEFHQRRSEIIQITTGSKELDKLLQGGIETGSITEMFGEFRTGKTQICHTLAVTCQLPIDRGGGEGKAMYI
DTEGTFRPERLLAVAERYGLSGSDVLDNVAYARAFNTDHQTQLLYQASAMMVESRYALLIVDSATALYRTDYSGRGELSA
RQMHLARFLRMLLRLADEFGVAVVITNQVVAQVDGAAMFAADPKKPIGGNIIAHASTTRLYLRKGRGETRICQIYDSPCL
PEAEAMFAINADGVGDAKD
;
A,C,B
#
# COMPACT_ATOMS: atom_id res chain seq x y z
N PRO B 22 -23.61 24.18 31.45
CA PRO B 22 -23.63 25.09 30.30
C PRO B 22 -25.05 25.59 29.97
N GLN B 23 -25.25 26.89 30.10
CA GLN B 23 -26.56 27.48 29.87
C GLN B 23 -26.91 27.47 28.39
N PRO B 24 -28.10 27.02 28.00
CA PRO B 24 -28.48 27.05 26.58
C PRO B 24 -28.54 28.47 26.03
N ILE B 25 -28.58 28.58 24.70
CA ILE B 25 -28.47 29.87 24.04
C ILE B 25 -29.81 30.60 24.08
N SER B 26 -30.80 30.00 24.72
CA SER B 26 -32.09 30.66 24.82
C SER B 26 -32.18 31.54 26.06
N ARG B 27 -31.26 31.42 26.99
CA ARG B 27 -31.35 32.17 28.24
C ARG B 27 -31.11 33.66 28.03
N LEU B 28 -30.34 34.03 27.00
CA LEU B 28 -30.19 35.44 26.67
C LEU B 28 -31.23 35.91 25.68
N GLU B 29 -32.09 35.02 25.19
CA GLU B 29 -33.24 35.40 24.39
C GLU B 29 -34.26 36.10 25.30
N GLN B 30 -34.05 35.97 26.61
CA GLN B 30 -34.88 36.61 27.63
C GLN B 30 -34.29 37.93 28.06
N CYS B 31 -33.38 38.48 27.25
CA CYS B 31 -32.70 39.71 27.62
C CYS B 31 -32.67 40.66 26.41
N GLY B 32 -33.81 40.81 25.75
CA GLY B 32 -33.92 41.77 24.67
C GLY B 32 -33.23 41.36 23.39
N ILE B 33 -33.33 40.09 23.01
CA ILE B 33 -32.77 39.58 21.76
C ILE B 33 -33.90 38.96 20.96
N ASN B 34 -33.95 39.26 19.67
CA ASN B 34 -35.02 38.72 18.84
C ASN B 34 -34.81 37.22 18.63
N ALA B 35 -35.89 36.51 18.31
CA ALA B 35 -35.83 35.05 18.24
C ALA B 35 -35.03 34.58 17.03
N ASN B 36 -35.24 35.19 15.86
CA ASN B 36 -34.51 34.72 14.69
C ASN B 36 -33.02 35.02 14.84
N ASP B 37 -32.66 35.91 15.75
CA ASP B 37 -31.25 36.18 16.04
C ASP B 37 -30.57 34.97 16.65
N VAL B 38 -31.14 34.43 17.74
CA VAL B 38 -30.56 33.21 18.30
C VAL B 38 -30.69 32.07 17.31
N LYS B 39 -31.75 32.05 16.51
CA LYS B 39 -31.86 31.00 15.49
C LYS B 39 -30.72 31.07 14.47
N LYS B 40 -30.32 32.28 14.07
CA LYS B 40 -29.19 32.41 13.16
C LYS B 40 -27.87 32.10 13.83
N LEU B 41 -27.72 32.47 15.11
CA LEU B 41 -26.55 32.02 15.86
C LEU B 41 -26.48 30.50 15.89
N GLU B 42 -27.63 29.83 15.86
CA GLU B 42 -27.63 28.38 15.88
C GLU B 42 -27.07 27.79 14.58
N GLU B 43 -27.48 28.31 13.42
CA GLU B 43 -26.86 27.83 12.18
C GLU B 43 -25.38 28.22 12.13
N ALA B 44 -25.03 29.36 12.74
CA ALA B 44 -23.63 29.70 12.88
C ALA B 44 -22.88 28.64 13.66
N GLY B 45 -23.52 28.05 14.67
CA GLY B 45 -22.94 26.97 15.43
C GLY B 45 -22.95 27.17 16.93
N PHE B 46 -23.44 28.30 17.41
CA PHE B 46 -23.49 28.60 18.84
C PHE B 46 -24.75 27.97 19.42
N HIS B 47 -24.59 27.19 20.47
CA HIS B 47 -25.72 26.54 21.12
C HIS B 47 -25.80 26.82 22.60
N THR B 48 -24.73 27.32 23.21
CA THR B 48 -24.77 27.72 24.61
C THR B 48 -24.41 29.20 24.73
N VAL B 49 -24.49 29.75 25.94
CA VAL B 49 -24.08 31.14 26.11
C VAL B 49 -22.57 31.25 26.21
N GLU B 50 -21.90 30.17 26.62
CA GLU B 50 -20.44 30.19 26.67
C GLU B 50 -19.83 30.17 25.27
N ALA B 51 -20.48 29.49 24.33
CA ALA B 51 -20.00 29.52 22.95
C ALA B 51 -20.00 30.93 22.38
N VAL B 52 -20.88 31.80 22.88
CA VAL B 52 -20.91 33.18 22.45
C VAL B 52 -19.96 34.04 23.28
N ALA B 53 -19.93 33.85 24.60
CA ALA B 53 -19.03 34.60 25.44
C ALA B 53 -17.57 34.38 25.07
N TYR B 54 -17.19 33.17 24.64
CA TYR B 54 -15.83 32.89 24.22
C TYR B 54 -15.59 33.31 22.77
N ALA B 55 -16.62 33.68 22.05
CA ALA B 55 -16.45 33.99 20.64
C ALA B 55 -15.92 35.40 20.47
N PRO B 56 -14.99 35.63 19.55
CA PRO B 56 -14.57 37.00 19.27
C PRO B 56 -15.62 37.76 18.50
N LYS B 57 -15.36 39.04 18.23
CA LYS B 57 -16.31 39.90 17.56
C LYS B 57 -16.51 39.57 16.09
N LYS B 58 -15.45 39.25 15.36
CA LYS B 58 -15.56 39.03 13.92
C LYS B 58 -16.18 37.70 13.56
N GLU B 59 -16.09 36.78 14.54
CA GLU B 59 -16.66 35.42 14.47
C GLU B 59 -18.17 35.53 14.35
N LEU B 60 -18.66 36.52 15.07
CA LEU B 60 -20.08 36.82 15.14
C LEU B 60 -20.53 37.72 14.00
N ILE B 61 -19.75 38.77 13.71
CA ILE B 61 -20.07 39.65 12.58
C ILE B 61 -20.13 38.90 11.26
N ASN B 62 -19.34 37.84 11.08
CA ASN B 62 -19.36 37.04 9.87
C ASN B 62 -20.72 36.40 9.58
N ILE B 63 -21.59 36.28 10.56
CA ILE B 63 -22.91 35.69 10.33
C ILE B 63 -23.72 36.63 9.46
N LYS B 64 -24.29 36.09 8.39
CA LYS B 64 -24.99 36.93 7.43
C LYS B 64 -26.40 37.21 7.92
N GLY B 65 -26.72 38.48 8.14
CA GLY B 65 -27.99 38.86 8.71
C GLY B 65 -27.85 39.32 10.14
N ILE B 66 -26.61 39.61 10.56
CA ILE B 66 -26.34 40.12 11.89
C ILE B 66 -25.57 41.43 11.76
N SER B 67 -26.07 42.47 12.43
CA SER B 67 -25.47 43.80 12.37
C SER B 67 -24.17 43.84 13.14
N GLU B 68 -23.59 45.03 13.29
CA GLU B 68 -22.40 45.21 14.12
C GLU B 68 -22.79 45.68 15.52
N ALA B 69 -24.05 46.02 15.75
CA ALA B 69 -24.52 46.45 17.06
C ALA B 69 -25.28 45.33 17.76
N LYS B 70 -26.01 44.53 17.00
CA LYS B 70 -26.49 43.27 17.55
C LYS B 70 -25.33 42.51 18.17
N ALA B 71 -24.15 42.64 17.58
CA ALA B 71 -22.96 41.98 18.10
C ALA B 71 -22.56 42.51 19.46
N ASP B 72 -22.46 43.84 19.63
CA ASP B 72 -21.95 44.30 20.91
C ASP B 72 -22.98 44.02 21.99
N LYS B 73 -24.27 44.13 21.64
CA LYS B 73 -25.31 43.71 22.58
C LYS B 73 -25.16 42.27 23.02
N ILE B 74 -25.15 41.33 22.07
CA ILE B 74 -25.08 39.91 22.40
C ILE B 74 -23.85 39.63 23.24
N LEU B 75 -22.71 40.22 22.88
CA LEU B 75 -21.52 40.05 23.69
C LEU B 75 -21.69 40.63 25.08
N ALA B 76 -22.44 41.73 25.21
CA ALA B 76 -22.64 42.34 26.52
C ALA B 76 -23.40 41.41 27.46
N GLU B 77 -24.55 40.89 27.01
CA GLU B 77 -25.26 39.97 27.89
C GLU B 77 -24.57 38.61 28.02
N ALA B 78 -23.78 38.20 27.02
CA ALA B 78 -22.97 37.01 27.20
C ALA B 78 -21.97 37.19 28.34
N ALA B 79 -21.31 38.36 28.39
CA ALA B 79 -20.38 38.63 29.47
C ALA B 79 -21.10 38.82 30.79
N LYS B 80 -22.33 39.32 30.77
CA LYS B 80 -23.11 39.41 31.99
C LYS B 80 -23.41 38.04 32.57
N LEU B 81 -23.80 37.10 31.71
CA LEU B 81 -24.16 35.76 32.16
C LEU B 81 -22.95 34.86 32.42
N VAL B 82 -21.78 35.17 31.85
CA VAL B 82 -20.60 34.33 32.03
C VAL B 82 -19.47 35.17 32.61
N PRO B 83 -18.99 34.87 33.81
CA PRO B 83 -17.90 35.65 34.40
C PRO B 83 -16.59 35.37 33.68
N MET B 84 -15.94 36.43 33.21
CA MET B 84 -14.74 36.34 32.39
C MET B 84 -13.70 37.36 32.83
N GLY B 85 -13.49 37.46 34.14
CA GLY B 85 -12.57 38.42 34.70
C GLY B 85 -11.47 37.77 35.53
N PHE B 86 -10.82 38.60 36.32
CA PHE B 86 -9.71 38.13 37.16
C PHE B 86 -10.23 37.48 38.42
N THR B 87 -9.92 36.21 38.60
CA THR B 87 -10.11 35.54 39.88
C THR B 87 -8.76 35.36 40.55
N THR B 88 -8.75 34.62 41.65
CA THR B 88 -7.53 34.33 42.39
C THR B 88 -7.31 32.82 42.44
N ALA B 89 -6.07 32.43 42.77
CA ALA B 89 -5.63 31.07 42.49
C ALA B 89 -6.41 30.03 43.30
N THR B 90 -6.89 30.43 44.49
CA THR B 90 -7.56 29.46 45.35
C THR B 90 -8.81 28.86 44.72
N GLU B 91 -9.62 29.65 44.03
CA GLU B 91 -10.84 29.17 43.39
C GLU B 91 -10.56 28.32 42.16
N PHE B 92 -9.43 28.53 41.50
CA PHE B 92 -9.04 27.69 40.37
C PHE B 92 -8.54 26.36 40.88
N HIS B 93 -7.83 26.38 42.01
CA HIS B 93 -7.33 25.17 42.65
C HIS B 93 -8.47 24.24 42.99
N GLN B 94 -9.60 24.80 43.44
CA GLN B 94 -10.77 23.98 43.75
C GLN B 94 -11.27 23.23 42.53
N ARG B 95 -11.64 23.94 41.46
CA ARG B 95 -12.11 23.26 40.25
C ARG B 95 -11.08 22.26 39.74
N ARG B 96 -9.81 22.65 39.73
CA ARG B 96 -8.74 21.72 39.38
C ARG B 96 -8.79 20.44 40.21
N SER B 97 -9.19 20.53 41.47
CA SER B 97 -9.36 19.33 42.28
C SER B 97 -10.67 18.60 41.99
N GLU B 98 -11.71 19.30 41.54
CA GLU B 98 -12.97 18.64 41.23
C GLU B 98 -13.11 18.24 39.76
N ILE B 99 -12.02 18.24 38.99
CA ILE B 99 -12.09 17.62 37.66
C ILE B 99 -12.21 16.11 37.79
N ILE B 100 -12.51 15.43 36.69
CA ILE B 100 -12.99 14.05 36.76
C ILE B 100 -11.92 13.00 36.46
N GLN B 101 -11.08 13.23 35.44
CA GLN B 101 -10.00 12.32 35.03
C GLN B 101 -10.42 10.84 34.91
N ILE B 102 -11.24 10.54 33.90
CA ILE B 102 -11.59 9.17 33.55
C ILE B 102 -10.38 8.26 33.56
N THR B 103 -10.55 7.05 34.09
CA THR B 103 -9.49 6.06 34.15
C THR B 103 -9.25 5.41 32.80
N THR B 104 -8.12 4.72 32.67
CA THR B 104 -7.76 4.12 31.39
C THR B 104 -8.02 2.62 31.34
N GLY B 105 -8.25 1.99 32.49
CA GLY B 105 -8.43 0.56 32.54
C GLY B 105 -7.17 -0.24 32.80
N SER B 106 -6.02 0.42 33.00
CA SER B 106 -4.77 -0.23 33.39
C SER B 106 -4.24 0.52 34.59
N LYS B 107 -4.06 -0.20 35.69
CA LYS B 107 -3.78 0.43 36.99
C LYS B 107 -2.46 1.18 36.97
N GLU B 108 -1.48 0.64 36.26
CA GLU B 108 -0.19 1.32 36.16
C GLU B 108 -0.26 2.55 35.25
N LEU B 109 -1.02 2.49 34.16
CA LEU B 109 -1.24 3.68 33.36
C LEU B 109 -1.93 4.77 34.17
N ASP B 110 -2.90 4.40 35.00
CA ASP B 110 -3.55 5.39 35.84
C ASP B 110 -2.59 5.99 36.85
N LYS B 111 -1.65 5.18 37.35
CA LYS B 111 -0.65 5.71 38.27
C LYS B 111 0.28 6.67 37.56
N LEU B 112 0.64 6.36 36.31
CA LEU B 112 1.49 7.26 35.52
C LEU B 112 0.78 8.58 35.26
N LEU B 113 -0.50 8.52 34.84
CA LEU B 113 -1.27 9.72 34.58
C LEU B 113 -1.84 10.34 35.85
N GLN B 114 -1.59 9.72 37.02
CA GLN B 114 -2.11 10.21 38.29
C GLN B 114 -3.64 10.30 38.28
N GLY B 115 -4.27 9.23 37.81
CA GLY B 115 -5.70 9.11 37.83
C GLY B 115 -6.38 8.96 36.48
N GLY B 116 -5.66 9.15 35.38
CA GLY B 116 -6.25 8.96 34.07
C GLY B 116 -6.38 10.23 33.28
N ILE B 117 -7.10 10.10 32.16
CA ILE B 117 -7.25 11.20 31.22
C ILE B 117 -8.17 12.26 31.78
N GLU B 118 -7.63 13.46 31.97
CA GLU B 118 -8.41 14.55 32.55
C GLU B 118 -9.51 15.00 31.59
N THR B 119 -10.54 15.62 32.17
CA THR B 119 -11.58 16.22 31.36
C THR B 119 -11.29 17.70 31.15
N GLY B 120 -11.71 18.22 30.00
CA GLY B 120 -11.50 19.62 29.71
C GLY B 120 -10.17 19.97 29.11
N SER B 121 -9.45 19.00 28.55
CA SER B 121 -8.17 19.27 27.90
C SER B 121 -7.95 18.31 26.75
N ILE B 122 -6.81 18.42 26.08
CA ILE B 122 -6.50 17.61 24.91
C ILE B 122 -5.31 16.72 25.20
N THR B 123 -5.47 15.43 24.91
CA THR B 123 -4.37 14.48 25.05
C THR B 123 -4.00 13.97 23.67
N GLU B 124 -2.79 13.44 23.54
CA GLU B 124 -2.30 12.99 22.25
C GLU B 124 -1.50 11.72 22.45
N MET B 125 -1.73 10.76 21.56
CA MET B 125 -1.05 9.47 21.63
C MET B 125 -0.51 9.16 20.23
N PHE B 126 0.80 8.99 20.14
CA PHE B 126 1.40 8.64 18.85
C PHE B 126 2.32 7.42 18.97
N GLY B 127 2.70 6.87 17.84
CA GLY B 127 3.49 5.66 17.77
C GLY B 127 3.55 5.10 16.37
N GLU B 128 4.46 4.15 16.17
CA GLU B 128 4.75 3.62 14.83
C GLU B 128 3.51 3.02 14.20
N PHE B 129 3.06 1.89 14.73
CA PHE B 129 1.83 1.20 14.37
C PHE B 129 1.75 0.01 15.31
N ARG B 130 0.58 -0.63 15.35
CA ARG B 130 0.34 -1.82 16.17
C ARG B 130 0.61 -1.54 17.65
N THR B 131 0.82 -0.27 18.02
CA THR B 131 1.18 0.10 19.38
C THR B 131 -0.02 0.34 20.28
N GLY B 132 -1.22 -0.02 19.82
CA GLY B 132 -2.39 0.04 20.67
C GLY B 132 -2.98 1.41 20.93
N LYS B 133 -2.59 2.41 20.14
CA LYS B 133 -3.17 3.73 20.30
C LYS B 133 -4.60 3.81 19.79
N THR B 134 -4.99 2.80 19.01
CA THR B 134 -6.37 2.68 18.48
C THR B 134 -7.17 1.75 19.40
N GLN B 135 -6.49 1.02 20.29
CA GLN B 135 -7.14 0.14 21.24
C GLN B 135 -7.39 0.82 22.58
N ILE B 136 -6.50 1.73 22.99
CA ILE B 136 -6.77 2.56 24.15
C ILE B 136 -8.05 3.36 23.93
N CYS B 137 -8.27 3.84 22.71
CA CYS B 137 -9.48 4.58 22.41
C CYS B 137 -10.73 3.72 22.56
N HIS B 138 -10.67 2.47 22.09
CA HIS B 138 -11.80 1.57 22.26
C HIS B 138 -12.05 1.26 23.73
N THR B 139 -10.98 1.16 24.52
CA THR B 139 -11.16 0.95 25.95
C THR B 139 -11.80 2.15 26.62
N LEU B 140 -11.35 3.36 26.29
CA LEU B 140 -11.88 4.56 26.92
C LEU B 140 -13.33 4.78 26.53
N ALA B 141 -13.69 4.47 25.28
CA ALA B 141 -15.05 4.67 24.81
C ALA B 141 -16.07 3.86 25.60
N VAL B 142 -15.63 2.82 26.31
CA VAL B 142 -16.52 2.03 27.15
C VAL B 142 -16.29 2.31 28.62
N THR B 143 -15.07 2.71 28.99
CA THR B 143 -14.80 3.03 30.38
C THR B 143 -15.47 4.33 30.80
N CYS B 144 -15.69 5.26 29.87
CA CYS B 144 -16.32 6.53 30.22
C CYS B 144 -17.71 6.32 30.80
N GLN B 145 -18.44 5.32 30.32
CA GLN B 145 -19.76 5.03 30.88
C GLN B 145 -19.61 4.28 32.19
N LEU B 146 -19.18 4.95 33.23
CA LEU B 146 -18.97 4.28 34.50
C LEU B 146 -19.22 5.27 35.63
N PRO B 147 -19.74 4.81 36.77
CA PRO B 147 -19.87 5.71 37.92
C PRO B 147 -18.50 6.20 38.37
N ILE B 148 -18.47 7.38 38.97
CA ILE B 148 -17.23 8.05 39.33
C ILE B 148 -16.48 7.23 40.38
N ASP B 149 -17.21 6.46 41.18
CA ASP B 149 -16.58 5.62 42.20
C ASP B 149 -15.83 4.46 41.56
N ARG B 150 -15.92 4.32 40.24
CA ARG B 150 -15.16 3.32 39.51
C ARG B 150 -14.24 3.89 38.45
N GLY B 151 -14.17 5.21 38.28
CA GLY B 151 -13.25 5.82 37.35
C GLY B 151 -13.86 6.34 36.07
N GLY B 152 -15.18 6.34 35.93
CA GLY B 152 -15.83 6.80 34.73
C GLY B 152 -16.21 8.27 34.79
N GLY B 153 -17.22 8.62 33.99
CA GLY B 153 -17.70 9.98 33.96
C GLY B 153 -19.21 10.08 33.83
N GLU B 154 -19.88 8.94 33.79
CA GLU B 154 -21.33 8.86 33.59
C GLU B 154 -21.76 9.70 32.40
N GLY B 155 -21.20 9.41 31.23
CA GLY B 155 -21.58 10.13 30.03
C GLY B 155 -21.28 9.29 28.81
N LYS B 156 -21.97 9.62 27.73
CA LYS B 156 -21.78 8.95 26.46
C LYS B 156 -20.43 9.35 25.87
N ALA B 157 -19.98 8.56 24.90
CA ALA B 157 -18.79 8.86 24.13
C ALA B 157 -19.20 9.09 22.69
N MET B 158 -18.32 9.72 21.91
CA MET B 158 -18.50 9.83 20.48
C MET B 158 -17.17 9.62 19.78
N TYR B 159 -17.20 8.86 18.71
CA TYR B 159 -16.00 8.38 18.05
C TYR B 159 -15.97 8.89 16.62
N ILE B 160 -14.92 9.64 16.29
CA ILE B 160 -14.73 10.13 14.94
C ILE B 160 -13.59 9.35 14.30
N ASP B 161 -13.90 8.57 13.28
CA ASP B 161 -12.93 7.68 12.66
C ASP B 161 -12.61 8.20 11.26
N THR B 162 -11.34 8.10 10.88
CA THR B 162 -10.90 8.47 9.54
C THR B 162 -10.26 7.31 8.79
N GLU B 163 -10.21 6.13 9.40
CA GLU B 163 -9.54 4.98 8.82
C GLU B 163 -10.46 3.79 8.63
N GLY B 164 -11.55 3.71 9.39
CA GLY B 164 -12.41 2.54 9.36
C GLY B 164 -12.10 1.51 10.42
N THR B 165 -11.22 1.83 11.38
CA THR B 165 -10.77 0.83 12.33
C THR B 165 -11.64 0.78 13.58
N PHE B 166 -12.85 1.33 13.53
CA PHE B 166 -13.78 1.20 14.65
C PHE B 166 -14.41 -0.18 14.65
N ARG B 167 -14.22 -0.91 15.74
CA ARG B 167 -14.73 -2.27 15.87
C ARG B 167 -15.53 -2.40 17.16
N PRO B 168 -16.86 -2.52 17.09
CA PRO B 168 -17.63 -2.68 18.34
C PRO B 168 -17.40 -4.00 19.04
N GLU B 169 -16.77 -4.98 18.36
CA GLU B 169 -16.45 -6.25 18.99
C GLU B 169 -15.51 -6.10 20.17
N ARG B 170 -14.68 -5.07 20.19
CA ARG B 170 -13.80 -4.79 21.33
C ARG B 170 -14.51 -4.07 22.46
N LEU B 171 -15.38 -3.12 22.11
CA LEU B 171 -16.25 -2.52 23.11
C LEU B 171 -17.07 -3.58 23.83
N LEU B 172 -17.54 -4.58 23.10
CA LEU B 172 -18.29 -5.66 23.74
C LEU B 172 -17.45 -6.44 24.72
N ALA B 173 -16.20 -6.75 24.35
CA ALA B 173 -15.32 -7.48 25.25
C ALA B 173 -15.04 -6.70 26.52
N VAL B 174 -14.73 -5.42 26.40
CA VAL B 174 -14.46 -4.64 27.61
C VAL B 174 -15.74 -4.43 28.42
N ALA B 175 -16.89 -4.36 27.76
CA ALA B 175 -18.16 -4.27 28.47
C ALA B 175 -18.40 -5.52 29.32
N GLU B 176 -18.08 -6.70 28.79
CA GLU B 176 -18.17 -7.92 29.59
C GLU B 176 -17.15 -7.91 30.72
N ARG B 177 -15.96 -7.34 30.47
CA ARG B 177 -14.99 -7.26 31.57
C ARG B 177 -15.56 -6.45 32.73
N TYR B 178 -16.24 -5.35 32.42
CA TYR B 178 -16.73 -4.48 33.47
C TYR B 178 -18.13 -4.82 33.96
N GLY B 179 -18.84 -5.72 33.30
CA GLY B 179 -20.16 -6.12 33.74
C GLY B 179 -21.29 -5.45 32.98
N LEU B 180 -21.03 -4.27 32.42
CA LEU B 180 -22.02 -3.53 31.66
C LEU B 180 -22.50 -4.34 30.46
N SER B 181 -23.77 -4.18 30.10
CA SER B 181 -24.35 -4.93 29.00
C SER B 181 -24.04 -4.27 27.66
N GLY B 182 -23.71 -5.11 26.68
CA GLY B 182 -23.35 -4.63 25.35
C GLY B 182 -24.38 -3.75 24.69
N SER B 183 -25.66 -4.10 24.77
CA SER B 183 -26.70 -3.23 24.23
C SER B 183 -26.73 -1.87 24.92
N ASP B 184 -26.31 -1.80 26.18
CA ASP B 184 -26.30 -0.54 26.91
C ASP B 184 -25.00 0.24 26.71
N VAL B 185 -23.95 -0.42 26.24
CA VAL B 185 -22.76 0.32 25.81
C VAL B 185 -22.86 0.69 24.33
N LEU B 186 -23.81 0.10 23.61
CA LEU B 186 -23.96 0.41 22.19
C LEU B 186 -25.15 1.32 21.87
N ASP B 187 -25.99 1.67 22.84
CA ASP B 187 -26.94 2.77 22.69
C ASP B 187 -26.26 4.07 23.09
N ASN B 188 -24.98 4.14 22.84
CA ASN B 188 -23.95 5.00 23.42
C ASN B 188 -23.02 5.21 22.25
N VAL B 189 -21.71 5.15 22.47
CA VAL B 189 -20.67 5.78 21.66
C VAL B 189 -21.12 5.96 20.22
N ALA B 190 -21.09 7.20 19.75
CA ALA B 190 -21.62 7.57 18.44
C ALA B 190 -20.50 7.50 17.42
N TYR B 191 -20.78 6.89 16.28
CA TYR B 191 -19.78 6.64 15.25
C TYR B 191 -20.03 7.57 14.08
N ALA B 192 -18.97 8.22 13.61
CA ALA B 192 -19.01 9.03 12.40
C ALA B 192 -17.69 8.89 11.67
N ARG B 193 -17.74 8.41 10.44
CA ARG B 193 -16.52 8.23 9.67
C ARG B 193 -16.32 9.41 8.72
N ALA B 194 -15.17 10.06 8.85
CA ALA B 194 -14.85 11.25 8.09
C ALA B 194 -14.02 10.86 6.87
N PHE B 195 -14.36 11.45 5.74
CA PHE B 195 -13.65 11.17 4.49
C PHE B 195 -12.77 12.33 4.06
N ASN B 196 -12.86 13.48 4.72
CA ASN B 196 -12.13 14.67 4.30
C ASN B 196 -11.75 15.50 5.51
N THR B 197 -10.64 16.22 5.37
CA THR B 197 -10.34 17.27 6.33
C THR B 197 -11.44 18.31 6.36
N ASP B 198 -12.17 18.48 5.25
CA ASP B 198 -13.32 19.36 5.24
C ASP B 198 -14.49 18.77 6.00
N HIS B 199 -14.65 17.45 5.93
CA HIS B 199 -15.74 16.75 6.59
C HIS B 199 -15.53 16.66 8.10
N GLN B 200 -14.28 16.63 8.57
CA GLN B 200 -14.02 16.60 10.01
C GLN B 200 -14.66 17.79 10.72
N THR B 201 -14.56 18.98 10.13
CA THR B 201 -15.07 20.17 10.80
C THR B 201 -16.59 20.17 10.86
N GLN B 202 -17.23 19.75 9.77
CA GLN B 202 -18.69 19.65 9.80
C GLN B 202 -19.14 18.62 10.82
N LEU B 203 -18.40 17.53 10.95
CA LEU B 203 -18.65 16.59 12.03
C LEU B 203 -18.53 17.26 13.38
N LEU B 204 -17.57 18.18 13.52
CA LEU B 204 -17.43 18.89 14.80
C LEU B 204 -18.65 19.74 15.10
N TYR B 205 -19.19 20.40 14.08
CA TYR B 205 -20.43 21.16 14.27
C TYR B 205 -21.58 20.27 14.73
N GLN B 206 -21.83 19.20 13.99
CA GLN B 206 -22.89 18.28 14.38
C GLN B 206 -22.65 17.68 15.76
N ALA B 207 -21.38 17.51 16.15
CA ALA B 207 -21.08 16.99 17.46
C ALA B 207 -21.39 18.00 18.55
N SER B 208 -21.12 19.28 18.29
CA SER B 208 -21.49 20.32 19.25
C SER B 208 -22.99 20.32 19.49
N ALA B 209 -23.77 20.14 18.44
CA ALA B 209 -25.22 20.06 18.61
C ALA B 209 -25.63 18.93 19.56
N MET B 210 -25.10 17.73 19.34
CA MET B 210 -25.42 16.59 20.17
C MET B 210 -24.96 16.78 21.61
N MET B 211 -23.77 17.36 21.78
CA MET B 211 -23.23 17.52 23.12
C MET B 211 -23.98 18.58 23.90
N VAL B 212 -24.62 19.52 23.21
CA VAL B 212 -25.49 20.42 23.96
C VAL B 212 -26.84 19.79 24.25
N GLU B 213 -27.36 18.94 23.36
CA GLU B 213 -28.69 18.39 23.60
C GLU B 213 -28.65 17.29 24.65
N SER B 214 -27.51 16.62 24.82
CA SER B 214 -27.41 15.59 25.85
C SER B 214 -26.01 15.56 26.42
N ARG B 215 -25.85 14.80 27.51
CA ARG B 215 -24.58 14.76 28.23
C ARG B 215 -23.59 13.83 27.55
N TYR B 216 -22.36 14.32 27.40
CA TYR B 216 -21.27 13.52 26.84
C TYR B 216 -20.04 13.64 27.74
N ALA B 217 -19.21 12.59 27.71
CA ALA B 217 -18.04 12.53 28.56
C ALA B 217 -16.73 12.70 27.83
N LEU B 218 -16.55 12.09 26.66
CA LEU B 218 -15.30 12.28 25.94
C LEU B 218 -15.56 12.17 24.44
N LEU B 219 -14.77 12.92 23.68
CA LEU B 219 -14.72 12.85 22.24
C LEU B 219 -13.41 12.18 21.83
N ILE B 220 -13.46 11.34 20.80
CA ILE B 220 -12.30 10.61 20.33
C ILE B 220 -12.15 10.86 18.84
N VAL B 221 -11.04 11.45 18.45
CA VAL B 221 -10.72 11.67 17.04
C VAL B 221 -9.57 10.75 16.69
N ASP B 222 -9.89 9.56 16.20
CA ASP B 222 -8.88 8.57 15.85
C ASP B 222 -8.26 8.98 14.53
N SER B 223 -6.94 9.09 14.53
CA SER B 223 -6.20 9.60 13.37
C SER B 223 -6.63 11.03 13.06
N ALA B 224 -6.36 11.94 13.99
CA ALA B 224 -6.67 13.35 13.77
C ALA B 224 -5.82 13.99 12.69
N THR B 225 -4.71 13.37 12.31
CA THR B 225 -3.81 13.91 11.30
C THR B 225 -3.60 13.01 10.10
N ALA B 226 -4.29 11.87 10.02
CA ALA B 226 -4.03 10.93 8.93
C ALA B 226 -4.48 11.48 7.59
N LEU B 227 -5.60 12.22 7.57
CA LEU B 227 -6.14 12.66 6.30
C LEU B 227 -5.37 13.86 5.74
N TYR B 228 -4.77 14.67 6.60
CA TYR B 228 -4.02 15.83 6.13
C TYR B 228 -2.80 15.42 5.30
N ARG B 229 -2.07 14.40 5.78
CA ARG B 229 -0.84 13.98 5.13
C ARG B 229 -1.01 13.75 3.64
N THR B 230 -2.19 13.31 3.21
CA THR B 230 -2.43 13.04 1.80
C THR B 230 -3.41 14.00 1.15
N ASP B 231 -4.23 14.71 1.93
CA ASP B 231 -5.06 15.75 1.33
C ASP B 231 -4.23 16.92 0.86
N TYR B 232 -3.19 17.28 1.62
CA TYR B 232 -2.35 18.42 1.28
C TYR B 232 -0.99 17.90 0.82
N SER B 233 -0.83 17.78 -0.50
CA SER B 233 0.44 17.30 -1.09
C SER B 233 1.47 18.43 -1.08
N GLY B 234 2.19 18.59 0.02
CA GLY B 234 3.19 19.67 0.19
C GLY B 234 4.53 19.32 -0.43
N ARG B 235 5.48 20.25 -0.45
CA ARG B 235 5.31 21.63 0.11
C ARG B 235 4.64 22.52 -0.94
N GLY B 236 4.26 23.74 -0.56
CA GLY B 236 3.51 24.60 -1.49
C GLY B 236 2.04 24.54 -1.09
N GLU B 237 1.68 23.48 -0.35
CA GLU B 237 0.33 23.25 0.23
C GLU B 237 0.54 23.09 1.73
N LEU B 238 1.80 22.98 2.16
CA LEU B 238 2.13 22.87 3.59
C LEU B 238 1.56 23.98 4.48
N SER B 239 1.71 25.23 4.05
CA SER B 239 1.21 26.35 4.86
C SER B 239 -0.29 26.30 5.04
N ALA B 240 -1.04 25.89 4.03
CA ALA B 240 -2.48 25.72 4.13
C ALA B 240 -2.88 24.53 4.98
N ARG B 241 -2.13 23.43 4.87
CA ARG B 241 -2.37 22.27 5.73
C ARG B 241 -2.26 22.66 7.20
N GLN B 242 -1.18 23.36 7.55
CA GLN B 242 -0.98 23.74 8.94
C GLN B 242 -2.05 24.70 9.41
N MET B 243 -2.48 25.60 8.53
CA MET B 243 -3.53 26.55 8.91
C MET B 243 -4.85 25.85 9.14
N HIS B 244 -5.16 24.81 8.36
CA HIS B 244 -6.36 24.03 8.60
C HIS B 244 -6.27 23.23 9.90
N LEU B 245 -5.13 22.60 10.17
CA LEU B 245 -4.94 21.94 11.46
C LEU B 245 -5.15 22.89 12.63
N ALA B 246 -4.62 24.10 12.53
CA ALA B 246 -4.73 25.07 13.62
C ALA B 246 -6.19 25.34 13.95
N ARG B 247 -7.01 25.54 12.92
CA ARG B 247 -8.43 25.82 13.14
C ARG B 247 -9.14 24.61 13.71
N PHE B 248 -8.82 23.42 13.22
CA PHE B 248 -9.42 22.21 13.78
C PHE B 248 -9.13 22.07 15.26
N LEU B 249 -7.86 22.23 15.66
CA LEU B 249 -7.51 22.14 17.07
C LEU B 249 -8.10 23.27 17.89
N ARG B 250 -8.21 24.47 17.34
CA ARG B 250 -8.87 25.56 18.05
C ARG B 250 -10.34 25.28 18.31
N MET B 251 -11.03 24.63 17.37
CA MET B 251 -12.40 24.21 17.61
C MET B 251 -12.52 23.11 18.65
N LEU B 252 -11.62 22.13 18.62
CA LEU B 252 -11.59 21.13 19.67
C LEU B 252 -11.38 21.77 21.04
N LEU B 253 -10.52 22.78 21.12
CA LEU B 253 -10.26 23.44 22.39
C LEU B 253 -11.51 24.10 22.95
N ARG B 254 -12.29 24.77 22.10
CA ARG B 254 -13.52 25.38 22.56
C ARG B 254 -14.55 24.35 22.98
N LEU B 255 -14.68 23.25 22.22
CA LEU B 255 -15.56 22.17 22.67
C LEU B 255 -15.18 21.70 24.06
N ALA B 256 -13.89 21.45 24.28
CA ALA B 256 -13.44 21.01 25.60
C ALA B 256 -13.75 22.02 26.68
N ASP B 257 -13.44 23.30 26.44
CA ASP B 257 -13.66 24.34 27.44
C ASP B 257 -15.12 24.57 27.76
N GLU B 258 -16.03 24.39 26.81
CA GLU B 258 -17.43 24.75 27.04
C GLU B 258 -18.28 23.54 27.37
N PHE B 259 -17.71 22.33 27.29
CA PHE B 259 -18.53 21.19 27.65
C PHE B 259 -17.86 20.28 28.66
N GLY B 260 -16.64 20.60 29.08
CA GLY B 260 -15.95 19.79 30.05
C GLY B 260 -15.62 18.38 29.59
N VAL B 261 -15.72 18.09 28.30
CA VAL B 261 -15.42 16.76 27.81
C VAL B 261 -13.92 16.57 27.69
N ALA B 262 -13.46 15.33 27.78
CA ALA B 262 -12.08 15.02 27.49
C ALA B 262 -11.90 14.75 26.02
N VAL B 263 -10.88 15.35 25.42
CA VAL B 263 -10.58 15.18 24.00
C VAL B 263 -9.31 14.36 23.89
N VAL B 264 -9.42 13.21 23.22
CA VAL B 264 -8.29 12.32 23.00
C VAL B 264 -8.12 12.14 21.50
N ILE B 265 -6.94 12.51 21.00
CA ILE B 265 -6.62 12.39 19.59
C ILE B 265 -5.42 11.47 19.45
N THR B 266 -5.32 10.84 18.28
CA THR B 266 -4.17 10.00 17.96
C THR B 266 -3.38 10.67 16.86
N ASN B 267 -2.13 10.25 16.70
CA ASN B 267 -1.23 10.91 15.78
C ASN B 267 -0.30 9.89 15.15
N GLN B 268 -0.04 10.04 13.86
CA GLN B 268 0.88 9.15 13.16
C GLN B 268 2.31 9.65 13.31
N VAL B 269 3.23 8.98 12.63
CA VAL B 269 4.67 9.16 12.84
C VAL B 269 5.37 9.20 11.49
N VAL B 270 6.40 10.04 11.37
CA VAL B 270 7.32 10.02 10.23
C VAL B 270 8.65 9.45 10.65
N ALA B 271 9.53 9.20 9.69
CA ALA B 271 10.89 8.80 10.02
C ALA B 271 11.82 9.99 9.87
N GLN B 272 12.46 10.38 10.96
CA GLN B 272 13.35 11.52 10.98
C GLN B 272 14.66 11.16 10.28
N VAL B 273 14.89 11.79 9.13
CA VAL B 273 16.01 11.45 8.26
C VAL B 273 16.99 12.60 8.26
N ASP B 274 17.98 12.54 9.14
CA ASP B 274 19.06 13.53 9.16
C ASP B 274 20.41 12.84 9.13
N GLY B 275 20.50 11.67 9.76
CA GLY B 275 21.74 10.94 9.85
C GLY B 275 22.37 11.01 11.23
N PRO B 283 14.12 7.76 16.19
CA PRO B 283 13.88 8.97 15.39
C PRO B 283 12.48 9.00 14.80
N LYS B 284 11.47 9.17 15.67
CA LYS B 284 10.09 9.07 15.26
C LYS B 284 9.53 10.46 15.00
N LYS B 285 9.51 11.36 15.98
CA LYS B 285 9.08 12.73 15.74
C LYS B 285 7.69 12.82 15.10
N PRO B 286 6.62 12.68 15.87
CA PRO B 286 5.27 12.63 15.29
C PRO B 286 4.97 13.79 14.34
N ILE B 287 3.97 13.59 13.51
CA ILE B 287 3.64 14.52 12.46
C ILE B 287 2.76 15.64 13.01
N GLY B 288 2.62 16.70 12.24
CA GLY B 288 1.87 17.86 12.65
C GLY B 288 2.70 19.09 12.91
N GLY B 289 3.93 18.92 13.39
CA GLY B 289 4.80 20.05 13.61
C GLY B 289 4.47 20.84 14.86
N ASN B 290 4.99 22.07 14.87
CA ASN B 290 4.86 22.94 16.03
C ASN B 290 3.41 23.30 16.32
N ILE B 291 2.54 23.27 15.32
CA ILE B 291 1.16 23.64 15.54
C ILE B 291 0.43 22.63 16.42
N ILE B 292 0.69 21.34 16.24
CA ILE B 292 0.05 20.36 17.12
C ILE B 292 0.87 20.18 18.40
N ALA B 293 2.19 20.34 18.30
CA ALA B 293 3.03 20.20 19.49
C ALA B 293 2.67 21.22 20.55
N HIS B 294 2.43 22.47 20.14
CA HIS B 294 2.05 23.50 21.09
C HIS B 294 0.62 23.32 21.57
N ALA B 295 -0.29 22.96 20.66
CA ALA B 295 -1.70 22.88 20.98
C ALA B 295 -2.01 21.77 21.99
N SER B 296 -1.43 20.59 21.79
CA SER B 296 -1.72 19.48 22.68
C SER B 296 -1.21 19.76 24.08
N THR B 297 -2.03 19.44 25.08
CA THR B 297 -1.67 19.65 26.47
C THR B 297 -0.82 18.51 27.02
N THR B 298 -1.23 17.26 26.80
CA THR B 298 -0.47 16.10 27.23
C THR B 298 -0.27 15.18 26.04
N ARG B 299 0.94 14.66 25.91
CA ARG B 299 1.25 13.73 24.82
C ARG B 299 1.81 12.45 25.42
N LEU B 300 1.43 11.33 24.82
CA LEU B 300 1.86 10.01 25.28
C LEU B 300 2.53 9.31 24.10
N TYR B 301 3.77 8.89 24.30
CA TYR B 301 4.52 8.19 23.25
C TYR B 301 4.47 6.70 23.55
N LEU B 302 3.89 5.93 22.65
CA LEU B 302 3.71 4.50 22.83
C LEU B 302 4.78 3.73 22.06
N ARG B 303 5.23 2.63 22.66
CA ARG B 303 6.28 1.81 22.08
C ARG B 303 5.80 0.37 22.02
N LYS B 304 6.61 -0.46 21.38
CA LYS B 304 6.32 -1.88 21.24
C LYS B 304 7.28 -2.67 22.14
N GLY B 305 6.72 -3.44 23.05
CA GLY B 305 7.50 -4.30 23.91
C GLY B 305 7.47 -5.74 23.44
N ARG B 306 7.54 -6.65 24.41
CA ARG B 306 7.47 -8.06 24.09
C ARG B 306 6.04 -8.55 24.11
N GLY B 307 5.67 -9.32 23.08
CA GLY B 307 4.34 -9.91 23.03
C GLY B 307 3.26 -8.84 23.01
N GLU B 308 2.42 -8.85 24.03
CA GLU B 308 1.34 -7.88 24.13
C GLU B 308 1.77 -6.63 24.90
N THR B 309 2.91 -6.68 25.58
CA THR B 309 3.33 -5.58 26.42
C THR B 309 3.72 -4.38 25.58
N ARG B 310 3.27 -3.20 26.00
CA ARG B 310 3.66 -1.94 25.41
C ARG B 310 4.18 -1.01 26.50
N ILE B 311 4.95 -0.01 26.09
CA ILE B 311 5.49 0.98 26.99
C ILE B 311 4.91 2.34 26.65
N CYS B 312 4.38 3.03 27.65
CA CYS B 312 3.79 4.36 27.48
C CYS B 312 4.65 5.34 28.25
N GLN B 313 5.21 6.32 27.55
CA GLN B 313 6.09 7.32 28.13
C GLN B 313 5.42 8.68 28.09
N ILE B 314 5.52 9.43 29.18
CA ILE B 314 4.94 10.76 29.24
C ILE B 314 5.78 11.71 28.40
N TYR B 315 5.09 12.57 27.65
CA TYR B 315 5.70 13.41 26.62
C TYR B 315 4.99 14.75 26.72
N ASP B 316 5.70 15.78 27.19
CA ASP B 316 5.13 17.12 27.26
C ASP B 316 3.86 17.19 28.10
N SER B 317 3.97 17.00 29.40
CA SER B 317 2.88 17.38 30.29
C SER B 317 3.42 18.29 31.38
N PRO B 318 2.75 19.41 31.69
CA PRO B 318 3.27 20.31 32.72
C PRO B 318 3.41 19.67 34.10
N CYS B 319 2.27 19.23 34.62
CA CYS B 319 2.18 18.73 35.99
C CYS B 319 2.85 17.38 36.14
N LEU B 320 2.66 16.49 35.18
CA LEU B 320 3.21 15.16 35.24
C LEU B 320 4.71 15.17 34.95
N PRO B 321 5.53 14.55 35.79
CA PRO B 321 6.97 14.45 35.47
C PRO B 321 7.18 13.40 34.40
N GLU B 322 8.32 13.49 33.71
CA GLU B 322 8.59 12.53 32.63
C GLU B 322 8.92 11.17 33.21
N ALA B 323 8.15 10.16 32.78
CA ALA B 323 8.32 8.79 33.24
C ALA B 323 7.65 7.89 32.22
N GLU B 324 7.75 6.59 32.45
CA GLU B 324 7.15 5.61 31.56
C GLU B 324 6.69 4.41 32.37
N ALA B 325 5.79 3.64 31.77
CA ALA B 325 5.16 2.51 32.43
C ALA B 325 4.76 1.49 31.38
N MET B 326 4.45 0.29 31.84
CA MET B 326 4.13 -0.79 30.92
C MET B 326 2.66 -1.20 31.03
N PHE B 327 2.15 -1.74 29.93
CA PHE B 327 0.78 -2.21 29.87
C PHE B 327 0.67 -3.20 28.72
N ALA B 328 -0.43 -3.95 28.68
CA ALA B 328 -0.61 -5.00 27.70
C ALA B 328 -1.96 -4.88 27.01
N ILE B 329 -2.04 -5.46 25.81
CA ILE B 329 -3.28 -5.49 25.04
C ILE B 329 -3.85 -6.89 25.12
N ASN B 330 -4.86 -7.08 25.96
CA ASN B 330 -5.44 -8.40 26.18
C ASN B 330 -6.65 -8.60 25.29
N ALA B 331 -7.39 -9.69 25.51
CA ALA B 331 -8.65 -9.91 24.79
C ALA B 331 -9.77 -9.03 25.34
N ASP B 332 -9.50 -8.26 26.39
CA ASP B 332 -10.46 -7.35 26.99
C ASP B 332 -9.96 -5.92 27.04
N GLY B 333 -9.13 -5.53 26.08
CA GLY B 333 -8.63 -4.17 26.02
C GLY B 333 -7.33 -3.95 26.77
N VAL B 334 -7.05 -2.70 27.13
CA VAL B 334 -5.78 -2.37 27.77
C VAL B 334 -5.68 -3.08 29.12
N GLY B 335 -4.52 -3.65 29.41
CA GLY B 335 -4.35 -4.40 30.64
C GLY B 335 -3.01 -4.14 31.30
N ASP B 336 -2.39 -5.19 31.85
CA ASP B 336 -1.23 -5.03 32.71
C ASP B 336 -0.11 -6.04 32.50
N ALA B 337 -0.31 -7.07 31.68
CA ALA B 337 0.67 -8.15 31.59
C ALA B 337 0.84 -8.80 32.96
N LYS B 338 -0.17 -9.52 33.49
CA LYS B 338 -1.30 -10.15 32.79
C LYS B 338 -0.87 -10.91 31.53
N PRO C 22 8.37 -5.59 -32.47
CA PRO C 22 8.66 -4.27 -31.88
C PRO C 22 8.80 -3.18 -32.93
N GLN C 23 7.91 -2.19 -32.89
CA GLN C 23 7.90 -1.13 -33.87
C GLN C 23 9.08 -0.19 -33.64
N PRO C 24 9.84 0.17 -34.67
CA PRO C 24 10.94 1.10 -34.49
C PRO C 24 10.47 2.48 -34.04
N ILE C 25 11.40 3.30 -33.57
CA ILE C 25 11.06 4.59 -32.95
C ILE C 25 10.77 5.63 -34.02
N SER C 26 10.83 5.22 -35.29
CA SER C 26 10.53 6.16 -36.35
C SER C 26 9.05 6.18 -36.70
N ARG C 27 8.28 5.21 -36.22
CA ARG C 27 6.87 5.12 -36.60
C ARG C 27 6.04 6.24 -36.00
N LEU C 28 6.45 6.77 -34.85
CA LEU C 28 5.78 7.93 -34.29
C LEU C 28 6.38 9.25 -34.76
N GLU C 29 7.46 9.19 -35.55
CA GLU C 29 8.00 10.36 -36.24
C GLU C 29 7.04 10.77 -37.33
N GLN C 30 6.08 9.90 -37.64
CA GLN C 30 5.05 10.13 -38.63
C GLN C 30 3.78 10.64 -37.98
N CYS C 31 3.89 11.12 -36.74
CA CYS C 31 2.73 11.57 -35.99
C CYS C 31 3.02 12.92 -35.33
N GLY C 32 3.60 13.84 -36.09
CA GLY C 32 3.82 15.18 -35.59
C GLY C 32 4.94 15.30 -34.57
N ILE C 33 6.05 14.61 -34.80
CA ILE C 33 7.23 14.69 -33.95
C ILE C 33 8.41 15.12 -34.81
N ASN C 34 9.20 16.07 -34.32
CA ASN C 34 10.34 16.53 -35.10
C ASN C 34 11.41 15.46 -35.16
N ALA C 35 12.28 15.55 -36.17
CA ALA C 35 13.26 14.49 -36.40
C ALA C 35 14.34 14.47 -35.33
N ASN C 36 14.87 15.63 -34.96
CA ASN C 36 15.93 15.64 -33.97
C ASN C 36 15.41 15.20 -32.61
N ASP C 37 14.08 15.23 -32.43
CA ASP C 37 13.48 14.72 -31.20
C ASP C 37 13.70 13.21 -31.06
N VAL C 38 13.31 12.45 -32.09
CA VAL C 38 13.57 11.01 -32.04
C VAL C 38 15.07 10.75 -32.04
N LYS C 39 15.85 11.60 -32.71
CA LYS C 39 17.30 11.42 -32.65
C LYS C 39 17.85 11.58 -31.23
N LYS C 40 17.32 12.54 -30.47
CA LYS C 40 17.74 12.69 -29.09
C LYS C 40 17.23 11.56 -28.21
N LEU C 41 16.02 11.08 -28.44
CA LEU C 41 15.56 9.88 -27.76
C LEU C 41 16.50 8.72 -28.03
N GLU C 42 17.12 8.69 -29.20
CA GLU C 42 18.04 7.60 -29.52
C GLU C 42 19.30 7.66 -28.66
N GLU C 43 19.92 8.84 -28.49
CA GLU C 43 21.05 8.92 -27.58
C GLU C 43 20.61 8.65 -26.15
N ALA C 44 19.37 9.03 -25.82
CA ALA C 44 18.84 8.65 -24.51
C ALA C 44 18.80 7.14 -24.34
N GLY C 45 18.53 6.40 -25.42
CA GLY C 45 18.55 4.95 -25.40
C GLY C 45 17.29 4.29 -25.93
N PHE C 46 16.29 5.06 -26.30
CA PHE C 46 15.02 4.52 -26.81
C PHE C 46 15.18 4.24 -28.29
N HIS C 47 14.86 3.02 -28.70
CA HIS C 47 14.98 2.63 -30.10
C HIS C 47 13.68 2.05 -30.66
N THR C 48 12.74 1.67 -29.81
CA THR C 48 11.43 1.23 -30.27
C THR C 48 10.34 2.10 -29.66
N VAL C 49 9.09 1.89 -30.06
CA VAL C 49 8.02 2.66 -29.45
C VAL C 49 7.64 2.09 -28.10
N GLU C 50 7.92 0.80 -27.88
CA GLU C 50 7.64 0.21 -26.57
C GLU C 50 8.61 0.72 -25.51
N ALA C 51 9.86 0.98 -25.89
CA ALA C 51 10.80 1.58 -24.95
C ALA C 51 10.32 2.93 -24.45
N VAL C 52 9.54 3.64 -25.24
CA VAL C 52 8.98 4.91 -24.81
C VAL C 52 7.66 4.72 -24.08
N ALA C 53 6.78 3.85 -24.57
CA ALA C 53 5.52 3.59 -23.90
C ALA C 53 5.72 3.05 -22.49
N TYR C 54 6.76 2.24 -22.25
CA TYR C 54 7.05 1.74 -20.93
C TYR C 54 7.83 2.73 -20.08
N ALA C 55 8.30 3.81 -20.67
CA ALA C 55 9.15 4.74 -19.94
C ALA C 55 8.28 5.67 -19.09
N PRO C 56 8.68 5.97 -17.87
CA PRO C 56 7.95 6.97 -17.09
C PRO C 56 8.22 8.38 -17.60
N LYS C 57 7.56 9.37 -17.00
CA LYS C 57 7.66 10.75 -17.43
C LYS C 57 9.02 11.38 -17.14
N LYS C 58 9.61 11.13 -15.97
CA LYS C 58 10.84 11.79 -15.60
C LYS C 58 12.07 11.24 -16.32
N GLU C 59 11.95 9.98 -16.75
CA GLU C 59 13.03 9.31 -17.52
C GLU C 59 13.19 10.06 -18.84
N LEU C 60 12.06 10.53 -19.37
CA LEU C 60 12.04 11.27 -20.62
C LEU C 60 12.38 12.74 -20.41
N ILE C 61 11.82 13.37 -19.38
CA ILE C 61 12.16 14.76 -19.07
C ILE C 61 13.64 14.95 -18.81
N ASN C 62 14.32 13.94 -18.24
CA ASN C 62 15.76 14.03 -17.99
C ASN C 62 16.59 14.25 -19.24
N ILE C 63 16.06 13.97 -20.43
CA ILE C 63 16.81 14.18 -21.66
C ILE C 63 16.99 15.67 -21.88
N LYS C 64 18.23 16.08 -22.12
CA LYS C 64 18.54 17.50 -22.22
C LYS C 64 18.20 17.99 -23.62
N GLY C 65 17.27 18.93 -23.71
CA GLY C 65 16.79 19.41 -25.00
C GLY C 65 15.40 18.91 -25.30
N ILE C 66 14.71 18.41 -24.27
CA ILE C 66 13.33 17.95 -24.39
C ILE C 66 12.48 18.69 -23.37
N SER C 67 11.39 19.29 -23.85
CA SER C 67 10.49 20.07 -23.00
C SER C 67 9.69 19.16 -22.09
N GLU C 68 8.72 19.72 -21.37
CA GLU C 68 7.79 18.95 -20.57
C GLU C 68 6.50 18.67 -21.32
N ALA C 69 6.32 19.31 -22.48
CA ALA C 69 5.12 19.09 -23.28
C ALA C 69 5.42 18.18 -24.48
N LYS C 70 6.62 18.29 -25.03
CA LYS C 70 7.08 17.25 -25.94
C LYS C 70 6.92 15.88 -25.27
N ALA C 71 7.11 15.84 -23.95
CA ALA C 71 6.95 14.60 -23.22
C ALA C 71 5.52 14.08 -23.23
N ASP C 72 4.54 14.94 -22.92
CA ASP C 72 3.19 14.39 -22.83
C ASP C 72 2.71 14.00 -24.21
N LYS C 73 3.10 14.77 -25.24
CA LYS C 73 2.82 14.36 -26.60
C LYS C 73 3.40 12.99 -26.94
N ILE C 74 4.71 12.82 -26.78
CA ILE C 74 5.35 11.56 -27.15
C ILE C 74 4.72 10.40 -26.40
N LEU C 75 4.43 10.59 -25.11
CA LEU C 75 3.75 9.55 -24.36
C LEU C 75 2.36 9.29 -24.90
N ALA C 76 1.67 10.32 -25.40
CA ALA C 76 0.32 10.13 -25.93
C ALA C 76 0.33 9.25 -27.16
N GLU C 77 1.17 9.56 -28.14
CA GLU C 77 1.20 8.68 -29.31
C GLU C 77 1.88 7.33 -29.02
N ALA C 78 2.77 7.26 -28.02
CA ALA C 78 3.28 5.96 -27.60
C ALA C 78 2.14 5.08 -27.07
N ALA C 79 1.26 5.66 -26.26
CA ALA C 79 0.13 4.90 -25.74
C ALA C 79 -0.89 4.60 -26.83
N LYS C 80 -1.00 5.48 -27.83
CA LYS C 80 -1.86 5.18 -28.97
C LYS C 80 -1.36 3.96 -29.74
N LEU C 81 -0.05 3.89 -29.98
CA LEU C 81 0.51 2.79 -30.75
C LEU C 81 0.70 1.52 -29.95
N VAL C 82 0.76 1.60 -28.62
CA VAL C 82 0.97 0.42 -27.79
C VAL C 82 -0.17 0.27 -26.80
N PRO C 83 -0.96 -0.80 -26.87
CA PRO C 83 -2.07 -0.98 -25.93
C PRO C 83 -1.55 -1.30 -24.54
N MET C 84 -1.97 -0.52 -23.56
CA MET C 84 -1.47 -0.61 -22.19
C MET C 84 -2.62 -0.50 -21.19
N GLY C 85 -3.70 -1.24 -21.45
CA GLY C 85 -4.89 -1.19 -20.63
C GLY C 85 -5.26 -2.55 -20.08
N PHE C 86 -6.49 -2.64 -19.59
CA PHE C 86 -6.99 -3.86 -18.99
C PHE C 86 -7.44 -4.84 -20.07
N THR C 87 -6.82 -6.00 -20.11
CA THR C 87 -7.32 -7.12 -20.90
C THR C 87 -7.93 -8.15 -19.96
N THR C 88 -8.28 -9.30 -20.51
CA THR C 88 -8.84 -10.40 -19.74
C THR C 88 -7.95 -11.62 -19.88
N ALA C 89 -8.13 -12.58 -18.97
CA ALA C 89 -7.12 -13.62 -18.75
C ALA C 89 -6.96 -14.51 -19.97
N THR C 90 -8.02 -14.69 -20.76
CA THR C 90 -7.96 -15.60 -21.88
C THR C 90 -6.90 -15.21 -22.91
N GLU C 91 -6.77 -13.93 -23.23
CA GLU C 91 -5.79 -13.46 -24.20
C GLU C 91 -4.36 -13.53 -23.68
N PHE C 92 -4.18 -13.46 -22.36
CA PHE C 92 -2.84 -13.60 -21.79
C PHE C 92 -2.46 -15.07 -21.79
N HIS C 93 -3.43 -15.94 -21.56
CA HIS C 93 -3.22 -17.38 -21.60
C HIS C 93 -2.70 -17.82 -22.96
N GLN C 94 -3.22 -17.20 -24.03
CA GLN C 94 -2.76 -17.52 -25.37
C GLN C 94 -1.28 -17.20 -25.54
N ARG C 95 -0.86 -15.95 -25.34
CA ARG C 95 0.54 -15.61 -25.46
C ARG C 95 1.41 -16.48 -24.56
N ARG C 96 0.97 -16.69 -23.32
CA ARG C 96 1.68 -17.60 -22.42
C ARG C 96 1.88 -18.97 -23.04
N SER C 97 0.92 -19.45 -23.84
CA SER C 97 1.11 -20.70 -24.55
C SER C 97 2.00 -20.57 -25.79
N GLU C 98 2.04 -19.40 -26.42
CA GLU C 98 2.89 -19.21 -27.58
C GLU C 98 4.28 -18.66 -27.26
N ILE C 99 4.70 -18.67 -25.99
CA ILE C 99 6.10 -18.36 -25.69
C ILE C 99 6.99 -19.52 -26.18
N ILE C 100 8.31 -19.29 -26.19
CA ILE C 100 9.20 -20.16 -26.94
C ILE C 100 9.94 -21.19 -26.09
N GLN C 101 10.43 -20.81 -24.91
CA GLN C 101 11.16 -21.68 -23.98
C GLN C 101 12.24 -22.53 -24.62
N ILE C 102 13.33 -21.88 -25.05
CA ILE C 102 14.53 -22.57 -25.54
C ILE C 102 14.91 -23.72 -24.63
N THR C 103 15.31 -24.84 -25.25
CA THR C 103 15.73 -26.03 -24.52
C THR C 103 17.13 -25.85 -23.94
N THR C 104 17.50 -26.73 -23.02
CA THR C 104 18.79 -26.63 -22.35
C THR C 104 19.82 -27.60 -22.90
N GLY C 105 19.39 -28.62 -23.65
CA GLY C 105 20.30 -29.63 -24.13
C GLY C 105 20.42 -30.86 -23.25
N SER C 106 19.66 -30.92 -22.16
CA SER C 106 19.61 -32.11 -21.30
C SER C 106 18.13 -32.42 -21.10
N LYS C 107 17.73 -33.63 -21.50
CA LYS C 107 16.32 -33.98 -21.58
C LYS C 107 15.65 -33.93 -20.22
N GLU C 108 16.37 -34.33 -19.17
CA GLU C 108 15.81 -34.28 -17.83
C GLU C 108 15.72 -32.86 -17.30
N LEU C 109 16.70 -32.01 -17.61
CA LEU C 109 16.58 -30.60 -17.26
C LEU C 109 15.38 -29.97 -17.94
N ASP C 110 15.14 -30.31 -19.20
CA ASP C 110 13.97 -29.78 -19.90
C ASP C 110 12.68 -30.27 -19.26
N LYS C 111 12.67 -31.50 -18.77
CA LYS C 111 11.49 -32.02 -18.08
C LYS C 111 11.27 -31.29 -16.77
N LEU C 112 12.35 -30.97 -16.06
CA LEU C 112 12.24 -30.21 -14.82
C LEU C 112 11.71 -28.80 -15.09
N LEU C 113 12.26 -28.13 -16.10
CA LEU C 113 11.80 -26.80 -16.46
C LEU C 113 10.53 -26.81 -17.30
N GLN C 114 10.01 -27.98 -17.63
CA GLN C 114 8.82 -28.13 -18.46
C GLN C 114 9.01 -27.45 -19.82
N GLY C 115 10.15 -27.73 -20.44
CA GLY C 115 10.43 -27.27 -21.78
C GLY C 115 11.65 -26.39 -21.93
N GLY C 116 12.24 -25.92 -20.85
CA GLY C 116 13.45 -25.12 -20.93
C GLY C 116 13.25 -23.68 -20.50
N ILE C 117 14.29 -22.89 -20.77
CA ILE C 117 14.32 -21.51 -20.32
C ILE C 117 13.35 -20.66 -21.13
N GLU C 118 12.36 -20.10 -20.46
CA GLU C 118 11.35 -19.30 -21.14
C GLU C 118 11.95 -18.02 -21.70
N THR C 119 11.29 -17.47 -22.71
CA THR C 119 11.67 -16.17 -23.23
C THR C 119 10.84 -15.06 -22.57
N GLY C 120 11.43 -13.89 -22.43
CA GLY C 120 10.73 -12.78 -21.84
C GLY C 120 10.75 -12.72 -20.32
N SER C 121 11.67 -13.42 -19.68
CA SER C 121 11.80 -13.37 -18.23
C SER C 121 13.25 -13.53 -17.81
N ILE C 122 13.51 -13.54 -16.51
CA ILE C 122 14.86 -13.62 -15.97
C ILE C 122 15.02 -14.91 -15.19
N THR C 123 16.08 -15.64 -15.49
CA THR C 123 16.42 -16.85 -14.76
C THR C 123 17.73 -16.61 -14.02
N GLU C 124 17.98 -17.42 -13.00
CA GLU C 124 19.17 -17.23 -12.18
C GLU C 124 19.70 -18.60 -11.80
N MET C 125 21.03 -18.72 -11.88
CA MET C 125 21.69 -19.99 -11.57
C MET C 125 22.85 -19.66 -10.64
N PHE C 126 22.84 -20.26 -9.45
CA PHE C 126 23.93 -20.05 -8.51
C PHE C 126 24.47 -21.37 -7.98
N GLY C 127 25.63 -21.32 -7.33
CA GLY C 127 26.33 -22.49 -6.85
C GLY C 127 27.75 -22.16 -6.41
N GLU C 128 28.36 -23.12 -5.70
CA GLU C 128 29.65 -22.88 -5.08
C GLU C 128 30.71 -22.49 -6.10
N PHE C 129 31.11 -23.45 -6.93
CA PHE C 129 32.00 -23.27 -8.06
C PHE C 129 32.06 -24.64 -8.73
N ARG C 130 32.62 -24.67 -9.94
CA ARG C 130 32.80 -25.90 -10.70
C ARG C 130 31.46 -26.61 -10.96
N THR C 131 30.35 -25.95 -10.63
CA THR C 131 29.03 -26.57 -10.72
C THR C 131 28.39 -26.40 -12.09
N GLY C 132 29.14 -25.94 -13.07
CA GLY C 132 28.65 -25.91 -14.44
C GLY C 132 27.66 -24.80 -14.77
N LYS C 133 27.56 -23.79 -13.91
CA LYS C 133 26.68 -22.67 -14.22
C LYS C 133 27.24 -21.76 -15.30
N THR C 134 28.53 -21.93 -15.60
CA THR C 134 29.23 -21.18 -16.68
C THR C 134 29.23 -22.06 -17.94
N GLN C 135 28.94 -23.36 -17.80
CA GLN C 135 28.88 -24.27 -18.93
C GLN C 135 27.47 -24.39 -19.50
N ILE C 136 26.45 -24.31 -18.65
CA ILE C 136 25.09 -24.21 -19.14
C ILE C 136 24.94 -23.00 -20.05
N CYS C 137 25.59 -21.89 -19.70
CA CYS C 137 25.53 -20.70 -20.53
C CYS C 137 26.16 -20.94 -21.90
N HIS C 138 27.30 -21.62 -21.94
CA HIS C 138 27.92 -21.94 -23.23
C HIS C 138 27.05 -22.87 -24.04
N THR C 139 26.35 -23.80 -23.39
CA THR C 139 25.44 -24.67 -24.13
C THR C 139 24.26 -23.89 -24.69
N LEU C 140 23.67 -23.00 -23.90
CA LEU C 140 22.51 -22.24 -24.36
C LEU C 140 22.89 -21.29 -25.49
N ALA C 141 24.08 -20.70 -25.41
CA ALA C 141 24.51 -19.76 -26.43
C ALA C 141 24.60 -20.39 -27.82
N VAL C 142 24.67 -21.71 -27.91
CA VAL C 142 24.67 -22.40 -29.18
C VAL C 142 23.34 -23.09 -29.45
N THR C 143 22.62 -23.48 -28.40
CA THR C 143 21.32 -24.10 -28.59
C THR C 143 20.28 -23.11 -29.08
N CYS C 144 20.42 -21.83 -28.74
CA CYS C 144 19.46 -20.84 -29.16
C CYS C 144 19.35 -20.75 -30.68
N GLN C 145 20.47 -20.94 -31.39
CA GLN C 145 20.44 -20.94 -32.84
C GLN C 145 19.92 -22.28 -33.35
N LEU C 146 18.63 -22.51 -33.19
CA LEU C 146 18.07 -23.79 -33.62
C LEU C 146 16.62 -23.59 -34.04
N PRO C 147 16.14 -24.33 -35.02
CA PRO C 147 14.72 -24.25 -35.37
C PRO C 147 13.85 -24.68 -34.19
N ILE C 148 12.64 -24.14 -34.15
CA ILE C 148 11.75 -24.33 -33.00
C ILE C 148 11.37 -25.81 -32.88
N ASP C 149 11.36 -26.53 -34.00
CA ASP C 149 11.04 -27.95 -33.97
C ASP C 149 12.15 -28.75 -33.31
N ARG C 150 13.24 -28.09 -32.94
CA ARG C 150 14.32 -28.75 -32.20
C ARG C 150 14.61 -28.10 -30.85
N GLY C 151 13.89 -27.06 -30.45
CA GLY C 151 14.06 -26.46 -29.15
C GLY C 151 14.79 -25.14 -29.12
N GLY C 152 15.08 -24.54 -30.26
CA GLY C 152 15.80 -23.30 -30.32
C GLY C 152 14.88 -22.09 -30.37
N GLY C 153 15.41 -21.00 -30.91
CA GLY C 153 14.64 -19.78 -31.06
C GLY C 153 14.91 -19.04 -32.35
N GLU C 154 15.77 -19.61 -33.19
CA GLU C 154 16.18 -18.98 -34.44
C GLU C 154 16.63 -17.54 -34.22
N GLY C 155 17.60 -17.33 -33.35
CA GLY C 155 18.10 -16.00 -33.10
C GLY C 155 19.51 -16.07 -32.57
N LYS C 156 20.22 -14.97 -32.72
CA LYS C 156 21.58 -14.85 -32.23
C LYS C 156 21.57 -14.76 -30.71
N ALA C 157 22.73 -14.99 -30.11
CA ALA C 157 22.94 -14.81 -28.69
C ALA C 157 23.93 -13.69 -28.47
N MET C 158 23.97 -13.15 -27.27
CA MET C 158 25.01 -12.22 -26.88
C MET C 158 25.46 -12.51 -25.46
N TYR C 159 26.77 -12.48 -25.26
CA TYR C 159 27.39 -12.94 -24.04
C TYR C 159 28.13 -11.80 -23.37
N ILE C 160 27.73 -11.48 -22.14
CA ILE C 160 28.42 -10.45 -21.38
C ILE C 160 29.22 -11.13 -20.28
N ASP C 161 30.53 -11.03 -20.35
CA ASP C 161 31.42 -11.72 -19.43
C ASP C 161 32.10 -10.71 -18.52
N THR C 162 32.25 -11.07 -17.25
CA THR C 162 32.95 -10.24 -16.28
C THR C 162 34.17 -10.94 -15.68
N GLU C 163 34.45 -12.17 -16.11
CA GLU C 163 35.51 -12.97 -15.53
C GLU C 163 36.56 -13.39 -16.54
N GLY C 164 36.22 -13.43 -17.83
CA GLY C 164 37.11 -13.93 -18.84
C GLY C 164 36.92 -15.40 -19.17
N THR C 165 35.86 -16.02 -18.66
CA THR C 165 35.70 -17.46 -18.81
C THR C 165 34.94 -17.84 -20.07
N PHE C 166 34.81 -16.94 -21.03
CA PHE C 166 34.20 -17.27 -22.31
C PHE C 166 35.18 -18.05 -23.17
N ARG C 167 34.79 -19.25 -23.56
CA ARG C 167 35.64 -20.13 -24.36
C ARG C 167 34.88 -20.61 -25.58
N PRO C 168 35.21 -20.15 -26.79
CA PRO C 168 34.49 -20.63 -27.98
C PRO C 168 34.78 -22.09 -28.29
N GLU C 169 35.80 -22.68 -27.68
CA GLU C 169 36.09 -24.09 -27.90
C GLU C 169 34.96 -25.00 -27.45
N ARG C 170 34.16 -24.58 -26.48
CA ARG C 170 33.00 -25.34 -26.05
C ARG C 170 31.80 -25.14 -26.94
N LEU C 171 31.59 -23.91 -27.41
CA LEU C 171 30.57 -23.67 -28.42
C LEU C 171 30.83 -24.53 -29.65
N LEU C 172 32.10 -24.68 -30.03
CA LEU C 172 32.42 -25.52 -31.18
C LEU C 172 32.05 -26.98 -30.93
N ALA C 173 32.33 -27.50 -29.74
CA ALA C 173 32.00 -28.88 -29.43
C ALA C 173 30.50 -29.10 -29.48
N VAL C 174 29.71 -28.21 -28.87
CA VAL C 174 28.27 -28.40 -28.90
C VAL C 174 27.72 -28.19 -30.32
N ALA C 175 28.35 -27.31 -31.11
CA ALA C 175 27.94 -27.14 -32.50
C ALA C 175 28.15 -28.43 -33.29
N GLU C 176 29.26 -29.13 -33.06
CA GLU C 176 29.44 -30.44 -33.70
C GLU C 176 28.43 -31.46 -33.17
N ARG C 177 28.06 -31.37 -31.90
CA ARG C 177 27.04 -32.29 -31.40
C ARG C 177 25.73 -32.11 -32.16
N TYR C 178 25.37 -30.86 -32.43
CA TYR C 178 24.09 -30.60 -33.07
C TYR C 178 24.16 -30.55 -34.59
N GLY C 179 25.36 -30.58 -35.18
CA GLY C 179 25.47 -30.59 -36.62
C GLY C 179 25.80 -29.24 -37.23
N LEU C 180 25.42 -28.17 -36.54
CA LEU C 180 25.68 -26.81 -37.00
C LEU C 180 27.16 -26.56 -37.17
N SER C 181 27.52 -25.76 -38.15
CA SER C 181 28.92 -25.47 -38.44
C SER C 181 29.46 -24.39 -37.52
N GLY C 182 30.69 -24.58 -37.05
CA GLY C 182 31.33 -23.66 -36.13
C GLY C 182 31.44 -22.24 -36.64
N SER C 183 31.79 -22.04 -37.90
CA SER C 183 31.79 -20.70 -38.46
C SER C 183 30.42 -20.05 -38.45
N ASP C 184 29.35 -20.84 -38.52
CA ASP C 184 28.00 -20.32 -38.51
C ASP C 184 27.45 -20.14 -37.09
N VAL C 185 28.07 -20.79 -36.11
CA VAL C 185 27.73 -20.48 -34.71
C VAL C 185 28.62 -19.36 -34.19
N LEU C 186 29.69 -19.03 -34.90
CA LEU C 186 30.58 -17.96 -34.45
C LEU C 186 30.44 -16.66 -35.23
N ASP C 187 29.61 -16.59 -36.27
CA ASP C 187 29.16 -15.33 -36.84
C ASP C 187 27.92 -14.85 -36.10
N ASN C 188 27.87 -15.16 -34.82
CA ASN C 188 26.73 -15.25 -33.93
C ASN C 188 27.33 -14.82 -32.60
N VAL C 189 26.99 -15.50 -31.51
CA VAL C 189 27.04 -15.00 -30.14
C VAL C 189 28.09 -13.91 -29.98
N ALA C 190 27.65 -12.74 -29.52
CA ALA C 190 28.47 -11.54 -29.45
C ALA C 190 29.12 -11.47 -28.07
N TYR C 191 30.41 -11.20 -28.04
CA TYR C 191 31.19 -11.21 -26.81
C TYR C 191 31.52 -9.79 -26.40
N ALA C 192 31.30 -9.47 -25.13
CA ALA C 192 31.70 -8.19 -24.56
C ALA C 192 32.13 -8.43 -23.12
N ARG C 193 33.38 -8.08 -22.82
CA ARG C 193 33.88 -8.28 -21.47
C ARG C 193 33.82 -6.97 -20.70
N ALA C 194 33.12 -7.01 -19.56
CA ALA C 194 32.89 -5.84 -18.74
C ALA C 194 33.92 -5.79 -17.63
N PHE C 195 34.45 -4.60 -17.38
CA PHE C 195 35.46 -4.39 -16.36
C PHE C 195 34.91 -3.66 -15.15
N ASN C 196 33.69 -3.13 -15.23
CA ASN C 196 33.15 -2.31 -14.16
C ASN C 196 31.64 -2.51 -14.09
N THR C 197 31.11 -2.33 -12.88
CA THR C 197 29.67 -2.20 -12.72
C THR C 197 29.14 -1.01 -13.52
N ASP C 198 29.99 -0.01 -13.74
CA ASP C 198 29.62 1.12 -14.58
C ASP C 198 29.59 0.72 -16.05
N HIS C 199 30.52 -0.14 -16.45
CA HIS C 199 30.63 -0.60 -17.82
C HIS C 199 29.52 -1.57 -18.21
N GLN C 200 28.99 -2.34 -17.25
CA GLN C 200 27.89 -3.26 -17.55
C GLN C 200 26.69 -2.52 -18.14
N THR C 201 26.36 -1.36 -17.57
CA THR C 201 25.17 -0.64 -18.03
C THR C 201 25.36 -0.06 -19.43
N GLN C 202 26.55 0.47 -19.71
CA GLN C 202 26.83 0.95 -21.06
C GLN C 202 26.77 -0.19 -22.06
N LEU C 203 27.26 -1.37 -21.66
CA LEU C 203 27.09 -2.54 -22.50
C LEU C 203 25.62 -2.84 -22.72
N LEU C 204 24.78 -2.61 -21.72
CA LEU C 204 23.34 -2.84 -21.90
C LEU C 204 22.76 -1.90 -22.94
N TYR C 205 23.18 -0.63 -22.92
CA TYR C 205 22.74 0.31 -23.95
C TYR C 205 23.15 -0.15 -25.34
N GLN C 206 24.44 -0.43 -25.54
CA GLN C 206 24.90 -0.91 -26.83
C GLN C 206 24.19 -2.20 -27.24
N ALA C 207 23.82 -3.04 -26.28
CA ALA C 207 23.11 -4.26 -26.59
C ALA C 207 21.70 -3.99 -27.06
N SER C 208 21.04 -3.00 -26.45
CA SER C 208 19.70 -2.62 -26.91
C SER C 208 19.75 -2.15 -28.36
N ALA C 209 20.78 -1.41 -28.72
CA ALA C 209 20.92 -0.99 -30.11
C ALA C 209 20.99 -2.18 -31.07
N MET C 210 21.84 -3.15 -30.75
CA MET C 210 22.00 -4.32 -31.60
C MET C 210 20.72 -5.15 -31.67
N MET C 211 20.04 -5.29 -30.54
CA MET C 211 18.84 -6.11 -30.50
C MET C 211 17.69 -5.46 -31.24
N VAL C 212 17.71 -4.14 -31.37
CA VAL C 212 16.70 -3.54 -32.23
C VAL C 212 17.10 -3.63 -33.70
N GLU C 213 18.39 -3.56 -34.02
CA GLU C 213 18.76 -3.57 -35.43
C GLU C 213 18.67 -4.99 -36.02
N SER C 214 18.80 -6.02 -35.19
CA SER C 214 18.66 -7.38 -35.70
C SER C 214 18.04 -8.28 -34.63
N ARG C 215 17.68 -9.48 -35.05
CA ARG C 215 16.96 -10.41 -34.18
C ARG C 215 17.91 -11.12 -33.22
N TYR C 216 17.53 -11.16 -31.95
CA TYR C 216 18.29 -11.87 -30.93
C TYR C 216 17.35 -12.76 -30.12
N ALA C 217 17.92 -13.83 -29.58
CA ALA C 217 17.12 -14.82 -28.85
C ALA C 217 17.36 -14.81 -27.35
N LEU C 218 18.61 -14.70 -26.90
CA LEU C 218 18.84 -14.64 -25.46
C LEU C 218 20.07 -13.81 -25.17
N LEU C 219 20.05 -13.16 -24.01
CA LEU C 219 21.18 -12.44 -23.45
C LEU C 219 21.72 -13.22 -22.26
N ILE C 220 23.04 -13.27 -22.12
CA ILE C 220 23.67 -14.01 -21.04
C ILE C 220 24.61 -13.06 -20.31
N VAL C 221 24.36 -12.85 -19.02
CA VAL C 221 25.23 -12.04 -18.18
C VAL C 221 25.91 -12.99 -17.20
N ASP C 222 27.09 -13.48 -17.57
CA ASP C 222 27.83 -14.41 -16.75
C ASP C 222 28.47 -13.63 -15.61
N SER C 223 28.19 -14.07 -14.38
CA SER C 223 28.62 -13.36 -13.19
C SER C 223 28.01 -11.96 -13.16
N ALA C 224 26.69 -11.90 -13.05
CA ALA C 224 25.99 -10.61 -12.96
C ALA C 224 26.28 -9.88 -11.66
N THR C 225 26.80 -10.57 -10.65
CA THR C 225 27.06 -9.97 -9.35
C THR C 225 28.52 -10.06 -8.91
N ALA C 226 29.40 -10.60 -9.74
CA ALA C 226 30.79 -10.80 -9.32
C ALA C 226 31.52 -9.48 -9.12
N LEU C 227 31.24 -8.49 -9.96
CA LEU C 227 31.99 -7.24 -9.90
C LEU C 227 31.53 -6.36 -8.74
N TYR C 228 30.27 -6.47 -8.33
CA TYR C 228 29.77 -5.65 -7.23
C TYR C 228 30.46 -5.98 -5.92
N ARG C 229 30.64 -7.28 -5.64
CA ARG C 229 31.21 -7.73 -4.38
C ARG C 229 32.51 -7.02 -4.04
N THR C 230 33.29 -6.64 -5.05
CA THR C 230 34.56 -5.98 -4.80
C THR C 230 34.59 -4.52 -5.26
N ASP C 231 33.67 -4.10 -6.13
CA ASP C 231 33.59 -2.67 -6.45
C ASP C 231 33.06 -1.88 -5.27
N TYR C 232 32.11 -2.44 -4.52
CA TYR C 232 31.51 -1.74 -3.40
C TYR C 232 31.98 -2.41 -2.11
N SER C 233 33.01 -1.84 -1.50
CA SER C 233 33.56 -2.38 -0.23
C SER C 233 32.68 -1.96 0.94
N GLY C 234 31.60 -2.70 1.18
CA GLY C 234 30.64 -2.39 2.27
C GLY C 234 31.10 -2.91 3.61
N ARG C 235 30.38 -2.58 4.70
CA ARG C 235 29.10 -1.82 4.65
C ARG C 235 29.40 -0.31 4.65
N GLY C 236 28.39 0.51 4.41
CA GLY C 236 28.61 1.96 4.26
C GLY C 236 28.57 2.29 2.78
N GLU C 237 28.87 1.29 1.96
CA GLU C 237 28.80 1.34 0.48
C GLU C 237 27.72 0.34 0.06
N LEU C 238 27.28 -0.49 1.01
CA LEU C 238 26.23 -1.47 0.76
C LEU C 238 24.94 -0.92 0.16
N SER C 239 24.44 0.18 0.72
CA SER C 239 23.19 0.75 0.21
C SER C 239 23.32 1.21 -1.24
N ALA C 240 24.47 1.76 -1.62
CA ALA C 240 24.70 2.15 -3.00
C ALA C 240 24.89 0.96 -3.93
N ARG C 241 25.56 -0.09 -3.45
CA ARG C 241 25.69 -1.31 -4.23
C ARG C 241 24.33 -1.88 -4.57
N GLN C 242 23.45 -1.97 -3.57
CA GLN C 242 22.13 -2.54 -3.82
C GLN C 242 21.32 -1.66 -4.76
N MET C 243 21.46 -0.34 -4.64
CA MET C 243 20.74 0.56 -5.52
C MET C 243 21.22 0.43 -6.96
N HIS C 244 22.52 0.21 -7.17
CA HIS C 244 23.02 -0.02 -8.52
C HIS C 244 22.54 -1.35 -9.09
N LEU C 245 22.56 -2.42 -8.28
CA LEU C 245 21.98 -3.68 -8.72
C LEU C 245 20.53 -3.54 -9.14
N ALA C 246 19.75 -2.79 -8.35
CA ALA C 246 18.33 -2.63 -8.65
C ALA C 246 18.14 -2.03 -10.04
N ARG C 247 18.91 -1.00 -10.37
CA ARG C 247 18.78 -0.36 -11.66
C ARG C 247 19.22 -1.29 -12.78
N PHE C 248 20.31 -2.02 -12.57
CA PHE C 248 20.75 -2.98 -13.57
C PHE C 248 19.68 -4.02 -13.88
N LEU C 249 19.08 -4.61 -12.84
CA LEU C 249 18.03 -5.58 -13.06
C LEU C 249 16.78 -4.97 -13.66
N ARG C 250 16.44 -3.74 -13.29
CA ARG C 250 15.32 -3.06 -13.92
C ARG C 250 15.53 -2.83 -15.41
N MET C 251 16.75 -2.52 -15.83
CA MET C 251 17.05 -2.42 -17.25
C MET C 251 16.97 -3.76 -17.96
N LEU C 252 17.50 -4.82 -17.34
CA LEU C 252 17.34 -6.15 -17.92
C LEU C 252 15.87 -6.51 -18.10
N LEU C 253 15.03 -6.14 -17.13
CA LEU C 253 13.61 -6.45 -17.21
C LEU C 253 12.96 -5.77 -18.41
N ARG C 254 13.29 -4.51 -18.66
CA ARG C 254 12.74 -3.83 -19.82
C ARG C 254 13.25 -4.41 -21.13
N LEU C 255 14.53 -4.76 -21.20
CA LEU C 255 15.03 -5.45 -22.39
C LEU C 255 14.22 -6.71 -22.66
N ALA C 256 14.01 -7.53 -21.63
CA ALA C 256 13.24 -8.74 -21.79
C ALA C 256 11.82 -8.45 -22.25
N ASP C 257 11.14 -7.51 -21.61
CA ASP C 257 9.76 -7.20 -21.95
C ASP C 257 9.59 -6.62 -23.34
N GLU C 258 10.56 -5.87 -23.86
CA GLU C 258 10.36 -5.20 -25.13
C GLU C 258 11.03 -5.94 -26.28
N PHE C 259 11.77 -7.01 -26.00
CA PHE C 259 12.36 -7.73 -27.12
C PHE C 259 12.07 -9.22 -27.07
N GLY C 260 11.37 -9.69 -26.05
CA GLY C 260 11.05 -11.09 -25.95
C GLY C 260 12.24 -12.00 -25.79
N VAL C 261 13.42 -11.48 -25.47
CA VAL C 261 14.59 -12.31 -25.30
C VAL C 261 14.56 -12.98 -23.93
N ALA C 262 15.22 -14.12 -23.81
CA ALA C 262 15.42 -14.74 -22.53
C ALA C 262 16.69 -14.20 -21.88
N VAL C 263 16.59 -13.85 -20.61
CA VAL C 263 17.72 -13.31 -19.85
C VAL C 263 18.14 -14.35 -18.84
N VAL C 264 19.39 -14.80 -18.93
CA VAL C 264 19.96 -15.78 -18.02
C VAL C 264 21.17 -15.15 -17.35
N ILE C 265 21.13 -15.08 -16.03
CA ILE C 265 22.22 -14.51 -15.24
C ILE C 265 22.73 -15.59 -14.30
N THR C 266 24.00 -15.47 -13.91
CA THR C 266 24.60 -16.36 -12.94
C THR C 266 24.88 -15.57 -11.68
N ASN C 267 25.07 -16.30 -10.58
CA ASN C 267 25.21 -15.66 -9.28
C ASN C 267 26.19 -16.44 -8.42
N GLN C 268 27.03 -15.73 -7.68
CA GLN C 268 27.97 -16.36 -6.79
C GLN C 268 27.32 -16.64 -5.44
N VAL C 269 28.12 -17.12 -4.49
CA VAL C 269 27.62 -17.67 -3.23
C VAL C 269 28.52 -17.17 -2.10
N VAL C 270 27.91 -16.89 -0.94
CA VAL C 270 28.64 -16.65 0.30
C VAL C 270 28.47 -17.83 1.24
N ALA C 271 29.22 -17.84 2.33
CA ALA C 271 29.03 -18.84 3.35
C ALA C 271 28.24 -18.26 4.51
N GLN C 272 27.07 -18.82 4.77
CA GLN C 272 26.19 -18.32 5.81
C GLN C 272 26.75 -18.72 7.17
N VAL C 273 27.18 -17.73 7.94
CA VAL C 273 27.88 -17.95 9.20
C VAL C 273 26.99 -17.48 10.34
N ASP C 274 26.21 -18.40 10.91
CA ASP C 274 25.40 -18.09 12.07
C ASP C 274 25.65 -19.12 13.17
N GLY C 275 25.90 -20.37 12.77
CA GLY C 275 26.12 -21.45 13.71
C GLY C 275 24.94 -22.39 13.79
N PRO C 283 24.55 -24.26 3.81
CA PRO C 283 24.42 -22.84 4.14
C PRO C 283 25.05 -21.94 3.09
N LYS C 284 24.44 -21.89 1.90
CA LYS C 284 25.02 -21.19 0.77
C LYS C 284 24.43 -19.81 0.66
N LYS C 285 23.11 -19.67 0.46
CA LYS C 285 22.47 -18.35 0.45
C LYS C 285 23.11 -17.39 -0.54
N PRO C 286 22.79 -17.48 -1.83
CA PRO C 286 23.47 -16.68 -2.85
C PRO C 286 23.49 -15.19 -2.52
N ILE C 287 24.40 -14.49 -3.18
CA ILE C 287 24.66 -13.09 -2.89
C ILE C 287 23.65 -12.22 -3.64
N GLY C 288 23.58 -10.96 -3.26
CA GLY C 288 22.65 -10.03 -3.85
C GLY C 288 21.53 -9.60 -2.93
N GLY C 289 21.09 -10.47 -2.04
CA GLY C 289 20.08 -10.09 -1.08
C GLY C 289 18.68 -10.05 -1.67
N ASN C 290 17.80 -9.37 -0.94
CA ASN C 290 16.39 -9.30 -1.30
C ASN C 290 16.16 -8.62 -2.63
N ILE C 291 17.08 -7.76 -3.06
CA ILE C 291 16.88 -7.05 -4.32
C ILE C 291 16.98 -7.99 -5.52
N ILE C 292 17.89 -8.95 -5.50
CA ILE C 292 17.97 -9.91 -6.59
C ILE C 292 16.99 -11.05 -6.37
N ALA C 293 16.74 -11.41 -5.10
CA ALA C 293 15.82 -12.49 -4.81
C ALA C 293 14.42 -12.18 -5.31
N HIS C 294 13.97 -10.93 -5.10
CA HIS C 294 12.66 -10.53 -5.57
C HIS C 294 12.63 -10.37 -7.08
N ALA C 295 13.68 -9.79 -7.65
CA ALA C 295 13.71 -9.46 -9.07
C ALA C 295 13.71 -10.72 -9.95
N SER C 296 14.53 -11.71 -9.60
CA SER C 296 14.61 -12.90 -10.43
C SER C 296 13.29 -13.67 -10.42
N THR C 297 12.87 -14.11 -11.60
CA THR C 297 11.64 -14.87 -11.73
C THR C 297 11.81 -16.34 -11.40
N THR C 298 12.83 -16.98 -11.96
CA THR C 298 13.15 -18.37 -11.68
C THR C 298 14.60 -18.47 -11.26
N ARG C 299 14.85 -19.27 -10.22
CA ARG C 299 16.21 -19.49 -9.75
C ARG C 299 16.49 -20.98 -9.73
N LEU C 300 17.71 -21.33 -10.10
CA LEU C 300 18.15 -22.73 -10.15
C LEU C 300 19.38 -22.86 -9.26
N TYR C 301 19.31 -23.77 -8.29
CA TYR C 301 20.42 -24.01 -7.38
C TYR C 301 21.16 -25.26 -7.85
N LEU C 302 22.42 -25.10 -8.22
CA LEU C 302 23.22 -26.19 -8.74
C LEU C 302 24.14 -26.76 -7.66
N ARG C 303 24.31 -28.08 -7.71
CA ARG C 303 25.11 -28.78 -6.72
C ARG C 303 26.15 -29.62 -7.43
N LYS C 304 27.04 -30.22 -6.65
CA LYS C 304 28.11 -31.07 -7.16
C LYS C 304 27.78 -32.51 -6.79
N GLY C 305 27.67 -33.38 -7.79
CA GLY C 305 27.45 -34.79 -7.57
C GLY C 305 28.73 -35.58 -7.75
N ARG C 306 28.57 -36.81 -8.22
CA ARG C 306 29.73 -37.65 -8.47
C ARG C 306 30.24 -37.45 -9.89
N GLY C 307 31.57 -37.32 -10.00
CA GLY C 307 32.18 -37.21 -11.32
C GLY C 307 31.69 -35.98 -12.06
N GLU C 308 31.05 -36.20 -13.20
CA GLU C 308 30.52 -35.11 -14.01
C GLU C 308 29.08 -34.79 -13.64
N THR C 309 28.43 -35.64 -12.86
CA THR C 309 27.02 -35.46 -12.55
C THR C 309 26.82 -34.26 -11.64
N ARG C 310 25.82 -33.44 -11.95
CA ARG C 310 25.41 -32.35 -11.11
C ARG C 310 23.91 -32.46 -10.84
N ILE C 311 23.47 -31.79 -9.78
CA ILE C 311 22.06 -31.77 -9.41
C ILE C 311 21.55 -30.34 -9.52
N CYS C 312 20.43 -30.17 -10.21
CA CYS C 312 19.80 -28.87 -10.40
C CYS C 312 18.46 -28.90 -9.70
N GLN C 313 18.28 -28.01 -8.73
CA GLN C 313 17.07 -27.95 -7.94
C GLN C 313 16.33 -26.65 -8.23
N ILE C 314 15.02 -26.73 -8.38
CA ILE C 314 14.20 -25.55 -8.65
C ILE C 314 14.10 -24.72 -7.38
N TYR C 315 14.23 -23.41 -7.54
CA TYR C 315 14.37 -22.47 -6.44
C TYR C 315 13.55 -21.24 -6.83
N ASP C 316 12.43 -21.02 -6.14
CA ASP C 316 11.60 -19.84 -6.40
C ASP C 316 11.12 -19.74 -7.84
N SER C 317 10.25 -20.65 -8.25
CA SER C 317 9.51 -20.42 -9.50
C SER C 317 8.02 -20.55 -9.20
N PRO C 318 7.18 -19.63 -9.69
CA PRO C 318 5.73 -19.73 -9.40
C PRO C 318 5.10 -21.01 -9.92
N CYS C 319 5.16 -21.18 -11.24
CA CYS C 319 4.45 -22.26 -11.92
C CYS C 319 5.10 -23.61 -11.66
N LEU C 320 6.42 -23.65 -11.66
CA LEU C 320 7.14 -24.90 -11.48
C LEU C 320 7.12 -25.32 -10.00
N PRO C 321 6.75 -26.56 -9.70
CA PRO C 321 6.84 -27.03 -8.31
C PRO C 321 8.29 -27.31 -7.94
N GLU C 322 8.59 -27.31 -6.64
CA GLU C 322 9.95 -27.53 -6.21
C GLU C 322 10.35 -28.99 -6.40
N ALA C 323 11.42 -29.19 -7.15
CA ALA C 323 11.92 -30.53 -7.46
C ALA C 323 13.38 -30.36 -7.89
N GLU C 324 14.02 -31.51 -8.16
CA GLU C 324 15.40 -31.50 -8.58
C GLU C 324 15.64 -32.64 -9.56
N ALA C 325 16.72 -32.52 -10.33
CA ALA C 325 17.04 -33.48 -11.38
C ALA C 325 18.54 -33.51 -11.56
N MET C 326 19.02 -34.52 -12.27
CA MET C 326 20.45 -34.69 -12.46
C MET C 326 20.85 -34.47 -13.91
N PHE C 327 22.10 -34.06 -14.10
CA PHE C 327 22.67 -33.84 -15.42
C PHE C 327 24.17 -33.91 -15.30
N ALA C 328 24.85 -34.00 -16.44
CA ALA C 328 26.30 -34.18 -16.47
C ALA C 328 26.95 -33.17 -17.42
N ILE C 329 28.24 -32.92 -17.17
CA ILE C 329 29.02 -32.04 -18.01
C ILE C 329 29.96 -32.89 -18.87
N ASN C 330 29.59 -33.09 -20.12
CA ASN C 330 30.36 -33.95 -21.00
C ASN C 330 31.34 -33.13 -21.83
N ALA C 331 31.98 -33.77 -22.81
CA ALA C 331 32.85 -33.05 -23.73
C ALA C 331 32.06 -32.25 -24.76
N ASP C 332 30.74 -32.37 -24.73
CA ASP C 332 29.85 -31.65 -25.64
C ASP C 332 28.83 -30.80 -24.90
N GLY C 333 29.17 -30.32 -23.70
CA GLY C 333 28.27 -29.48 -22.94
C GLY C 333 27.36 -30.24 -21.99
N VAL C 334 26.25 -29.63 -21.60
CA VAL C 334 25.35 -30.23 -20.62
C VAL C 334 24.78 -31.53 -21.17
N GLY C 335 24.74 -32.57 -20.35
CA GLY C 335 24.28 -33.86 -20.79
C GLY C 335 23.40 -34.56 -19.77
N ASP C 336 23.56 -35.88 -19.64
CA ASP C 336 22.63 -36.69 -18.87
C ASP C 336 23.26 -37.75 -18.00
N ALA C 337 24.57 -37.99 -18.09
CA ALA C 337 25.18 -39.13 -17.41
C ALA C 337 24.54 -40.42 -17.89
N LYS C 338 24.75 -40.85 -19.15
CA LYS C 338 25.86 -40.50 -20.05
C LYS C 338 27.23 -40.54 -19.35
N PRO D 22 -24.16 1.08 -5.02
CA PRO D 22 -23.59 2.37 -5.41
C PRO D 22 -24.38 3.03 -6.54
N GLN D 23 -24.96 4.19 -6.26
CA GLN D 23 -25.79 4.89 -7.23
C GLN D 23 -24.92 5.48 -8.34
N PRO D 24 -25.26 5.29 -9.61
CA PRO D 24 -24.47 5.90 -10.69
C PRO D 24 -24.50 7.42 -10.64
N ILE D 25 -23.59 8.06 -11.38
CA ILE D 25 -23.39 9.49 -11.29
C ILE D 25 -24.48 10.22 -12.09
N SER D 26 -25.39 9.47 -12.68
CA SER D 26 -26.45 10.10 -13.44
C SER D 26 -27.67 10.43 -12.57
N ARG D 27 -27.72 9.89 -11.35
CA ARG D 27 -28.90 10.09 -10.52
C ARG D 27 -29.01 11.52 -10.02
N LEU D 28 -27.89 12.23 -9.89
CA LEU D 28 -27.94 13.64 -9.55
C LEU D 28 -28.01 14.54 -10.78
N GLU D 29 -27.94 13.95 -11.98
CA GLU D 29 -28.19 14.68 -13.21
C GLU D 29 -29.68 15.01 -13.29
N GLN D 30 -30.46 14.38 -12.43
CA GLN D 30 -31.90 14.60 -12.33
C GLN D 30 -32.22 15.61 -11.24
N CYS D 31 -31.21 16.37 -10.83
CA CYS D 31 -31.39 17.32 -9.74
C CYS D 31 -30.76 18.67 -10.12
N GLY D 32 -31.04 19.13 -11.33
CA GLY D 32 -30.58 20.45 -11.75
C GLY D 32 -29.10 20.54 -12.03
N ILE D 33 -28.53 19.54 -12.71
CA ILE D 33 -27.14 19.52 -13.10
C ILE D 33 -27.10 19.34 -14.61
N ASN D 34 -26.27 20.14 -15.29
CA ASN D 34 -26.18 20.02 -16.74
C ASN D 34 -25.48 18.72 -17.12
N ALA D 35 -25.74 18.26 -18.35
CA ALA D 35 -25.24 16.95 -18.77
C ALA D 35 -23.72 16.95 -18.94
N ASN D 36 -23.16 17.98 -19.59
CA ASN D 36 -21.73 17.98 -19.81
C ASN D 36 -20.99 18.11 -18.49
N ASP D 37 -21.69 18.55 -17.44
CA ASP D 37 -21.07 18.61 -16.11
C ASP D 37 -20.76 17.21 -15.58
N VAL D 38 -21.75 16.32 -15.57
CA VAL D 38 -21.47 14.96 -15.16
C VAL D 38 -20.51 14.30 -16.14
N LYS D 39 -20.58 14.66 -17.43
CA LYS D 39 -19.61 14.11 -18.38
C LYS D 39 -18.19 14.51 -18.05
N LYS D 40 -17.97 15.76 -17.62
CA LYS D 40 -16.64 16.18 -17.21
C LYS D 40 -16.22 15.55 -15.89
N LEU D 41 -17.15 15.38 -14.95
CA LEU D 41 -16.84 14.60 -13.76
C LEU D 41 -16.39 13.20 -14.13
N GLU D 42 -16.91 12.66 -15.22
CA GLU D 42 -16.51 11.32 -15.63
C GLU D 42 -15.06 11.28 -16.09
N GLU D 43 -14.61 12.23 -16.91
CA GLU D 43 -13.19 12.26 -17.25
C GLU D 43 -12.34 12.54 -16.03
N ALA D 44 -12.88 13.33 -15.09
CA ALA D 44 -12.19 13.51 -13.82
C ALA D 44 -12.00 12.19 -13.10
N GLY D 45 -12.96 11.28 -13.22
CA GLY D 45 -12.86 9.96 -12.64
C GLY D 45 -14.02 9.54 -11.76
N PHE D 46 -14.98 10.42 -11.55
CA PHE D 46 -16.13 10.12 -10.70
C PHE D 46 -17.18 9.39 -11.54
N HIS D 47 -17.62 8.25 -11.04
CA HIS D 47 -18.62 7.46 -11.75
C HIS D 47 -19.83 7.13 -10.91
N THR D 48 -19.75 7.28 -9.59
CA THR D 48 -20.90 7.10 -8.72
C THR D 48 -21.17 8.38 -7.94
N VAL D 49 -22.25 8.42 -7.17
CA VAL D 49 -22.51 9.60 -6.36
C VAL D 49 -21.66 9.58 -5.10
N GLU D 50 -21.24 8.39 -4.66
CA GLU D 50 -20.37 8.30 -3.49
C GLU D 50 -18.97 8.81 -3.80
N ALA D 51 -18.48 8.59 -5.02
CA ALA D 51 -17.20 9.15 -5.42
C ALA D 51 -17.18 10.66 -5.33
N VAL D 52 -18.34 11.30 -5.49
CA VAL D 52 -18.42 12.75 -5.35
C VAL D 52 -18.67 13.15 -3.90
N ALA D 53 -19.56 12.45 -3.19
CA ALA D 53 -19.81 12.76 -1.80
C ALA D 53 -18.57 12.62 -0.94
N TYR D 54 -17.69 11.66 -1.24
CA TYR D 54 -16.45 11.50 -0.50
C TYR D 54 -15.36 12.45 -0.99
N ALA D 55 -15.58 13.13 -2.10
CA ALA D 55 -14.54 13.96 -2.67
C ALA D 55 -14.47 15.29 -1.93
N PRO D 56 -13.29 15.82 -1.66
CA PRO D 56 -13.19 17.16 -1.09
C PRO D 56 -13.50 18.22 -2.12
N LYS D 57 -13.50 19.48 -1.70
CA LYS D 57 -13.84 20.60 -2.57
C LYS D 57 -12.81 20.88 -3.65
N LYS D 58 -11.52 20.82 -3.32
CA LYS D 58 -10.49 21.20 -4.28
C LYS D 58 -10.25 20.16 -5.35
N GLU D 59 -10.65 18.92 -5.00
CA GLU D 59 -10.58 17.73 -5.87
C GLU D 59 -11.47 17.95 -7.06
N LEU D 60 -12.57 18.61 -6.76
CA LEU D 60 -13.60 18.94 -7.74
C LEU D 60 -13.30 20.25 -8.46
N ILE D 61 -12.88 21.28 -7.72
CA ILE D 61 -12.51 22.55 -8.35
C ILE D 61 -11.38 22.38 -9.36
N ASN D 62 -10.46 21.43 -9.14
CA ASN D 62 -9.37 21.20 -10.07
C ASN D 62 -9.83 20.80 -11.47
N ILE D 63 -11.06 20.34 -11.63
CA ILE D 63 -11.56 19.98 -12.95
C ILE D 63 -11.70 21.22 -13.81
N LYS D 64 -11.12 21.19 -15.00
CA LYS D 64 -11.09 22.37 -15.84
C LYS D 64 -12.41 22.50 -16.58
N GLY D 65 -13.12 23.60 -16.34
CA GLY D 65 -14.45 23.79 -16.90
C GLY D 65 -15.53 23.64 -15.86
N ILE D 66 -15.13 23.67 -14.58
CA ILE D 66 -16.06 23.60 -13.47
C ILE D 66 -15.86 24.80 -12.57
N SER D 67 -16.94 25.52 -12.28
CA SER D 67 -16.90 26.73 -11.47
C SER D 67 -16.66 26.38 -10.01
N GLU D 68 -16.73 27.38 -9.14
CA GLU D 68 -16.65 27.16 -7.70
C GLU D 68 -18.04 27.05 -7.07
N ALA D 69 -19.09 27.34 -7.84
CA ALA D 69 -20.45 27.23 -7.34
C ALA D 69 -21.13 25.98 -7.85
N LYS D 70 -20.81 25.59 -9.09
CA LYS D 70 -21.16 24.24 -9.52
C LYS D 70 -20.68 23.23 -8.49
N ALA D 71 -19.54 23.52 -7.86
CA ALA D 71 -18.99 22.65 -6.85
C ALA D 71 -19.88 22.56 -5.61
N ASP D 72 -20.31 23.71 -5.06
CA ASP D 72 -21.05 23.61 -3.81
C ASP D 72 -22.40 22.98 -4.09
N LYS D 73 -22.99 23.28 -5.25
CA LYS D 73 -24.21 22.59 -5.66
C LYS D 73 -24.02 21.08 -5.71
N ILE D 74 -23.07 20.59 -6.51
CA ILE D 74 -22.88 19.17 -6.68
C ILE D 74 -22.63 18.50 -5.34
N LEU D 75 -21.83 19.13 -4.48
CA LEU D 75 -21.62 18.57 -3.15
C LEU D 75 -22.90 18.56 -2.33
N ALA D 76 -23.77 19.56 -2.52
CA ALA D 76 -25.02 19.61 -1.78
C ALA D 76 -25.91 18.43 -2.11
N GLU D 77 -26.16 18.20 -3.41
CA GLU D 77 -27.00 17.05 -3.72
C GLU D 77 -26.28 15.72 -3.52
N ALA D 78 -24.95 15.69 -3.57
CA ALA D 78 -24.23 14.48 -3.19
C ALA D 78 -24.48 14.15 -1.72
N ALA D 79 -24.45 15.16 -0.86
CA ALA D 79 -24.71 14.92 0.56
C ALA D 79 -26.18 14.61 0.80
N LYS D 80 -27.08 15.15 -0.03
CA LYS D 80 -28.49 14.80 0.08
C LYS D 80 -28.70 13.32 -0.23
N LEU D 81 -28.06 12.81 -1.29
CA LEU D 81 -28.24 11.43 -1.70
C LEU D 81 -27.43 10.45 -0.86
N VAL D 82 -26.37 10.89 -0.20
CA VAL D 82 -25.52 9.99 0.58
C VAL D 82 -25.47 10.47 2.02
N PRO D 83 -25.97 9.68 2.98
CA PRO D 83 -25.92 10.11 4.38
C PRO D 83 -24.49 10.06 4.92
N MET D 84 -24.04 11.19 5.47
CA MET D 84 -22.67 11.36 5.91
C MET D 84 -22.62 12.06 7.26
N GLY D 85 -23.47 11.62 8.19
CA GLY D 85 -23.57 12.23 9.50
C GLY D 85 -23.30 11.24 10.62
N PHE D 86 -23.70 11.66 11.81
CA PHE D 86 -23.48 10.85 13.01
C PHE D 86 -24.54 9.76 13.12
N THR D 87 -24.12 8.51 13.10
CA THR D 87 -24.99 7.40 13.46
C THR D 87 -24.59 6.90 14.85
N THR D 88 -25.17 5.78 15.26
CA THR D 88 -24.87 5.16 16.53
C THR D 88 -24.35 3.74 16.30
N ALA D 89 -23.70 3.18 17.32
CA ALA D 89 -22.85 2.02 17.12
C ALA D 89 -23.64 0.79 16.67
N THR D 90 -24.91 0.71 17.07
CA THR D 90 -25.69 -0.49 16.75
C THR D 90 -25.85 -0.70 15.25
N GLU D 91 -26.07 0.34 14.47
CA GLU D 91 -26.23 0.20 13.03
C GLU D 91 -24.93 -0.09 12.31
N PHE D 92 -23.80 0.30 12.89
CA PHE D 92 -22.51 -0.04 12.31
C PHE D 92 -22.18 -1.49 12.60
N HIS D 93 -22.57 -1.95 13.79
CA HIS D 93 -22.39 -3.34 14.19
C HIS D 93 -23.10 -4.28 13.22
N GLN D 94 -24.28 -3.88 12.76
CA GLN D 94 -25.01 -4.69 11.79
C GLN D 94 -24.23 -4.87 10.50
N ARG D 95 -23.88 -3.77 9.81
CA ARG D 95 -23.11 -3.89 8.59
C ARG D 95 -21.82 -4.66 8.81
N ARG D 96 -21.11 -4.37 9.90
CA ARG D 96 -19.93 -5.14 10.26
C ARG D 96 -20.20 -6.63 10.31
N SER D 97 -21.41 -7.03 10.75
CA SER D 97 -21.76 -8.44 10.71
C SER D 97 -22.17 -8.92 9.33
N GLU D 98 -22.70 -8.05 8.47
CA GLU D 98 -23.07 -8.45 7.12
C GLU D 98 -21.98 -8.24 6.08
N ILE D 99 -20.74 -7.99 6.49
CA ILE D 99 -19.63 -8.03 5.52
C ILE D 99 -19.39 -9.46 5.06
N ILE D 100 -18.59 -9.63 4.02
CA ILE D 100 -18.56 -10.89 3.29
C ILE D 100 -17.38 -11.79 3.65
N GLN D 101 -16.17 -11.23 3.80
CA GLN D 101 -14.95 -11.96 4.14
C GLN D 101 -14.71 -13.23 3.33
N ILE D 102 -14.40 -13.07 2.03
CA ILE D 102 -13.99 -14.16 1.17
C ILE D 102 -12.98 -15.07 1.86
N THR D 103 -13.13 -16.38 1.68
CA THR D 103 -12.24 -17.37 2.25
C THR D 103 -10.92 -17.43 1.49
N THR D 104 -9.93 -18.07 2.10
CA THR D 104 -8.61 -18.14 1.49
C THR D 104 -8.33 -19.48 0.82
N GLY D 105 -9.13 -20.51 1.10
CA GLY D 105 -8.87 -21.83 0.59
C GLY D 105 -8.05 -22.73 1.48
N SER D 106 -7.67 -22.26 2.67
CA SER D 106 -6.99 -23.09 3.67
C SER D 106 -7.73 -22.89 4.97
N LYS D 107 -8.22 -24.00 5.52
CA LYS D 107 -9.16 -23.96 6.64
C LYS D 107 -8.53 -23.33 7.88
N GLU D 108 -7.25 -23.60 8.09
CA GLU D 108 -6.56 -23.00 9.23
C GLU D 108 -6.28 -21.52 9.03
N LEU D 109 -5.95 -21.11 7.81
CA LEU D 109 -5.84 -19.69 7.53
C LEU D 109 -7.15 -18.96 7.76
N ASP D 110 -8.26 -19.58 7.37
CA ASP D 110 -9.56 -18.97 7.61
C ASP D 110 -9.86 -18.88 9.10
N LYS D 111 -9.42 -19.87 9.87
CA LYS D 111 -9.60 -19.81 11.32
C LYS D 111 -8.76 -18.70 11.93
N LEU D 112 -7.54 -18.50 11.41
CA LEU D 112 -6.70 -17.41 11.89
C LEU D 112 -7.32 -16.05 11.56
N LEU D 113 -7.79 -15.89 10.33
CA LEU D 113 -8.43 -14.64 9.93
C LEU D 113 -9.88 -14.54 10.38
N GLN D 114 -10.40 -15.58 11.03
CA GLN D 114 -11.78 -15.61 11.50
C GLN D 114 -12.75 -15.43 10.32
N GLY D 115 -12.51 -16.20 9.27
CA GLY D 115 -13.40 -16.24 8.13
C GLY D 115 -12.80 -15.81 6.81
N GLY D 116 -11.60 -15.23 6.81
CA GLY D 116 -10.95 -14.86 5.56
C GLY D 116 -10.82 -13.37 5.37
N ILE D 117 -10.43 -13.00 4.15
CA ILE D 117 -10.12 -11.62 3.83
C ILE D 117 -11.41 -10.81 3.74
N GLU D 118 -11.55 -9.82 4.61
CA GLU D 118 -12.75 -9.01 4.64
C GLU D 118 -12.88 -8.17 3.38
N THR D 119 -14.11 -7.77 3.07
CA THR D 119 -14.34 -6.84 1.99
C THR D 119 -14.42 -5.42 2.53
N GLY D 120 -13.99 -4.46 1.71
CA GLY D 120 -14.04 -3.07 2.10
C GLY D 120 -12.86 -2.59 2.91
N SER D 121 -11.74 -3.30 2.87
CA SER D 121 -10.54 -2.86 3.59
C SER D 121 -9.29 -3.30 2.83
N ILE D 122 -8.12 -2.99 3.37
CA ILE D 122 -6.85 -3.28 2.74
C ILE D 122 -6.07 -4.28 3.57
N THR D 123 -5.60 -5.34 2.91
CA THR D 123 -4.75 -6.33 3.57
C THR D 123 -3.37 -6.25 2.93
N GLU D 124 -2.37 -6.76 3.65
CA GLU D 124 -1.00 -6.69 3.18
C GLU D 124 -0.30 -7.98 3.53
N MET D 125 0.48 -8.49 2.59
CA MET D 125 1.22 -9.73 2.79
C MET D 125 2.66 -9.49 2.33
N PHE D 126 3.59 -9.69 3.26
CA PHE D 126 5.00 -9.53 2.89
C PHE D 126 5.83 -10.74 3.33
N GLY D 127 7.05 -10.81 2.84
CA GLY D 127 7.93 -11.94 3.06
C GLY D 127 9.14 -11.90 2.15
N GLU D 128 10.12 -12.75 2.49
CA GLU D 128 11.42 -12.70 1.81
C GLU D 128 11.26 -12.94 0.31
N PHE D 129 10.92 -14.17 -0.07
CA PHE D 129 10.60 -14.58 -1.42
C PHE D 129 10.20 -16.05 -1.30
N ARG D 130 9.62 -16.58 -2.37
CA ARG D 130 9.20 -17.98 -2.43
C ARG D 130 8.21 -18.34 -1.32
N THR D 131 7.72 -17.33 -0.60
CA THR D 131 6.86 -17.56 0.56
C THR D 131 5.38 -17.62 0.19
N GLY D 132 5.07 -17.70 -1.10
CA GLY D 132 3.70 -17.91 -1.53
C GLY D 132 2.75 -16.73 -1.43
N LYS D 133 3.30 -15.53 -1.28
CA LYS D 133 2.45 -14.35 -1.26
C LYS D 133 1.90 -13.99 -2.63
N THR D 134 2.45 -14.54 -3.73
CA THR D 134 1.71 -14.29 -5.01
C THR D 134 0.86 -15.52 -5.31
N GLN D 135 1.13 -16.64 -4.62
CA GLN D 135 0.27 -17.79 -4.85
C GLN D 135 -1.05 -17.68 -4.11
N ILE D 136 -1.03 -17.07 -2.92
CA ILE D 136 -2.29 -16.74 -2.24
C ILE D 136 -3.15 -15.86 -3.13
N CYS D 137 -2.53 -14.93 -3.84
CA CYS D 137 -3.28 -14.06 -4.75
C CYS D 137 -3.93 -14.85 -5.87
N HIS D 138 -3.20 -15.81 -6.45
CA HIS D 138 -3.79 -16.64 -7.50
C HIS D 138 -4.93 -17.49 -6.95
N THR D 139 -4.80 -17.95 -5.72
CA THR D 139 -5.90 -18.71 -5.12
C THR D 139 -7.12 -17.83 -4.89
N LEU D 140 -6.93 -16.63 -4.37
CA LEU D 140 -8.06 -15.75 -4.09
C LEU D 140 -8.75 -15.31 -5.37
N ALA D 141 -7.98 -15.08 -6.43
CA ALA D 141 -8.54 -14.63 -7.69
C ALA D 141 -9.53 -15.63 -8.29
N VAL D 142 -9.48 -16.89 -7.86
CA VAL D 142 -10.43 -17.89 -8.30
C VAL D 142 -11.43 -18.23 -7.21
N THR D 143 -11.05 -18.08 -5.95
CA THR D 143 -11.98 -18.36 -4.86
C THR D 143 -13.07 -17.29 -4.77
N CYS D 144 -12.78 -16.07 -5.20
CA CYS D 144 -13.79 -15.01 -5.13
C CYS D 144 -15.03 -15.34 -5.94
N GLN D 145 -14.86 -16.03 -7.07
CA GLN D 145 -16.01 -16.45 -7.86
C GLN D 145 -16.66 -17.67 -7.24
N LEU D 146 -17.34 -17.48 -6.12
CA LEU D 146 -17.94 -18.62 -5.45
C LEU D 146 -19.20 -18.15 -4.71
N PRO D 147 -20.23 -18.99 -4.62
CA PRO D 147 -21.39 -18.62 -3.82
C PRO D 147 -21.00 -18.43 -2.36
N ILE D 148 -21.76 -17.57 -1.66
CA ILE D 148 -21.41 -17.18 -0.30
C ILE D 148 -21.48 -18.39 0.63
N ASP D 149 -22.31 -19.37 0.30
CA ASP D 149 -22.42 -20.57 1.11
C ASP D 149 -21.16 -21.43 1.00
N ARG D 150 -20.22 -21.02 0.15
CA ARG D 150 -18.94 -21.70 0.04
C ARG D 150 -17.75 -20.80 0.33
N GLY D 151 -17.95 -19.53 0.67
CA GLY D 151 -16.86 -18.65 1.04
C GLY D 151 -16.45 -17.64 -0.01
N GLY D 152 -17.19 -17.50 -1.09
CA GLY D 152 -16.85 -16.57 -2.15
C GLY D 152 -17.54 -15.24 -1.99
N GLY D 153 -17.67 -14.54 -3.11
CA GLY D 153 -18.34 -13.26 -3.12
C GLY D 153 -19.21 -13.02 -4.32
N GLU D 154 -19.30 -14.03 -5.20
CA GLU D 154 -20.03 -13.93 -6.45
C GLU D 154 -19.66 -12.67 -7.22
N GLY D 155 -18.39 -12.51 -7.53
CA GLY D 155 -17.96 -11.34 -8.28
C GLY D 155 -16.65 -11.64 -8.98
N LYS D 156 -16.39 -10.87 -10.02
CA LYS D 156 -15.16 -11.00 -10.78
C LYS D 156 -13.99 -10.48 -9.95
N ALA D 157 -12.78 -10.84 -10.37
CA ALA D 157 -11.56 -10.31 -9.79
C ALA D 157 -10.83 -9.51 -10.84
N MET D 158 -9.89 -8.68 -10.40
CA MET D 158 -8.99 -7.99 -11.31
C MET D 158 -7.59 -7.99 -10.72
N TYR D 159 -6.61 -8.25 -11.57
CA TYR D 159 -5.25 -8.50 -11.15
C TYR D 159 -4.33 -7.46 -11.78
N ILE D 160 -3.65 -6.70 -10.93
CA ILE D 160 -2.68 -5.72 -11.40
C ILE D 160 -1.28 -6.24 -11.09
N ASP D 161 -0.51 -6.55 -12.13
CA ASP D 161 0.80 -7.16 -11.98
C ASP D 161 1.87 -6.15 -12.37
N THR D 162 2.97 -6.16 -11.62
CA THR D 162 4.12 -5.31 -11.92
C THR D 162 5.38 -6.12 -12.18
N GLU D 163 5.30 -7.44 -12.14
CA GLU D 163 6.46 -8.30 -12.27
C GLU D 163 6.36 -9.27 -13.43
N GLY D 164 5.15 -9.58 -13.88
CA GLY D 164 4.95 -10.60 -14.90
C GLY D 164 4.66 -11.97 -14.36
N THR D 165 4.43 -12.11 -13.06
CA THR D 165 4.29 -13.43 -12.45
C THR D 165 2.85 -13.93 -12.46
N PHE D 166 1.98 -13.33 -13.25
CA PHE D 166 0.62 -13.85 -13.40
C PHE D 166 0.61 -15.08 -14.28
N ARG D 167 0.12 -16.19 -13.74
CA ARG D 167 0.09 -17.46 -14.45
C ARG D 167 -1.32 -18.04 -14.39
N PRO D 168 -2.06 -18.06 -15.49
CA PRO D 168 -3.41 -18.65 -15.45
C PRO D 168 -3.40 -20.16 -15.25
N GLU D 169 -2.25 -20.81 -15.42
CA GLU D 169 -2.15 -22.24 -15.19
C GLU D 169 -2.46 -22.63 -13.75
N ARG D 170 -2.24 -21.74 -12.80
CA ARG D 170 -2.59 -21.99 -11.41
C ARG D 170 -4.06 -21.73 -11.13
N LEU D 171 -4.62 -20.67 -11.72
CA LEU D 171 -6.06 -20.47 -11.65
C LEU D 171 -6.79 -21.69 -12.19
N LEU D 172 -6.28 -22.30 -13.26
CA LEU D 172 -6.92 -23.49 -13.80
C LEU D 172 -6.89 -24.65 -12.82
N ALA D 173 -5.76 -24.85 -12.14
CA ALA D 173 -5.65 -25.93 -11.18
C ALA D 173 -6.62 -25.74 -10.02
N VAL D 174 -6.69 -24.52 -9.47
CA VAL D 174 -7.62 -24.31 -8.37
C VAL D 174 -9.07 -24.37 -8.85
N ALA D 175 -9.34 -23.98 -10.09
CA ALA D 175 -10.68 -24.11 -10.64
C ALA D 175 -11.09 -25.58 -10.72
N GLU D 176 -10.17 -26.45 -11.12
CA GLU D 176 -10.48 -27.90 -11.09
C GLU D 176 -10.66 -28.39 -9.66
N ARG D 177 -9.90 -27.83 -8.70
CA ARG D 177 -10.11 -28.25 -7.32
C ARG D 177 -11.53 -27.93 -6.88
N TYR D 178 -12.05 -26.77 -7.27
CA TYR D 178 -13.35 -26.36 -6.80
C TYR D 178 -14.50 -26.78 -7.72
N GLY D 179 -14.20 -27.32 -8.90
CA GLY D 179 -15.25 -27.78 -9.79
C GLY D 179 -15.58 -26.81 -10.91
N LEU D 180 -15.34 -25.52 -10.67
CA LEU D 180 -15.61 -24.49 -11.66
C LEU D 180 -14.82 -24.72 -12.93
N SER D 181 -15.40 -24.36 -14.07
CA SER D 181 -14.75 -24.58 -15.36
C SER D 181 -13.76 -23.47 -15.67
N GLY D 182 -12.61 -23.85 -16.22
CA GLY D 182 -11.55 -22.91 -16.53
C GLY D 182 -11.96 -21.79 -17.45
N SER D 183 -12.73 -22.07 -18.50
CA SER D 183 -13.22 -21.00 -19.35
C SER D 183 -14.12 -20.04 -18.60
N ASP D 184 -14.80 -20.48 -17.55
CA ASP D 184 -15.68 -19.62 -16.78
C ASP D 184 -14.93 -18.90 -15.65
N VAL D 185 -13.74 -19.37 -15.29
CA VAL D 185 -12.89 -18.60 -14.39
C VAL D 185 -11.99 -17.66 -15.19
N LEU D 186 -11.88 -17.86 -16.50
CA LEU D 186 -11.03 -17.01 -17.31
C LEU D 186 -11.80 -15.99 -18.16
N ASP D 187 -13.13 -16.01 -18.17
CA ASP D 187 -13.92 -14.89 -18.67
C ASP D 187 -14.16 -13.89 -17.55
N ASN D 188 -13.18 -13.79 -16.67
CA ASN D 188 -13.20 -13.30 -15.31
C ASN D 188 -11.82 -12.68 -15.16
N VAL D 189 -11.15 -12.90 -14.04
CA VAL D 189 -10.08 -12.05 -13.51
C VAL D 189 -9.36 -11.30 -14.62
N ALA D 190 -9.34 -9.97 -14.50
CA ALA D 190 -8.83 -9.09 -15.54
C ALA D 190 -7.37 -8.80 -15.26
N TYR D 191 -6.54 -8.90 -16.28
CA TYR D 191 -5.10 -8.77 -16.14
C TYR D 191 -4.65 -7.44 -16.73
N ALA D 192 -3.82 -6.72 -15.99
CA ALA D 192 -3.20 -5.50 -16.47
C ALA D 192 -1.81 -5.41 -15.88
N ARG D 193 -0.81 -5.36 -16.75
CA ARG D 193 0.57 -5.28 -16.28
C ARG D 193 1.06 -3.83 -16.32
N ALA D 194 1.50 -3.36 -15.16
CA ALA D 194 1.92 -1.98 -15.00
C ALA D 194 3.44 -1.90 -15.14
N PHE D 195 3.89 -0.88 -15.87
CA PHE D 195 5.31 -0.68 -16.10
C PHE D 195 5.86 0.50 -15.32
N ASN D 196 5.01 1.30 -14.69
CA ASN D 196 5.44 2.51 -14.02
C ASN D 196 4.57 2.77 -12.81
N THR D 197 5.16 3.43 -11.82
CA THR D 197 4.37 3.99 -10.74
C THR D 197 3.35 5.00 -11.28
N ASP D 198 3.66 5.62 -12.42
CA ASP D 198 2.71 6.52 -13.06
C ASP D 198 1.57 5.72 -13.71
N HIS D 199 1.90 4.56 -14.27
CA HIS D 199 0.93 3.70 -14.93
C HIS D 199 -0.02 3.01 -13.96
N GLN D 200 0.43 2.74 -12.74
CA GLN D 200 -0.44 2.12 -11.73
C GLN D 200 -1.68 2.96 -11.49
N THR D 201 -1.52 4.28 -11.39
CA THR D 201 -2.67 5.13 -11.07
C THR D 201 -3.66 5.20 -12.23
N GLN D 202 -3.16 5.28 -13.46
CA GLN D 202 -4.06 5.26 -14.61
C GLN D 202 -4.80 3.93 -14.67
N LEU D 203 -4.12 2.84 -14.33
CA LEU D 203 -4.82 1.57 -14.21
C LEU D 203 -5.90 1.63 -13.16
N LEU D 204 -5.66 2.36 -12.07
CA LEU D 204 -6.69 2.50 -11.05
C LEU D 204 -7.92 3.22 -11.58
N TYR D 205 -7.70 4.27 -12.39
CA TYR D 205 -8.82 4.96 -13.02
C TYR D 205 -9.64 4.02 -13.91
N GLN D 206 -8.96 3.34 -14.84
CA GLN D 206 -9.65 2.41 -15.70
C GLN D 206 -10.34 1.31 -14.91
N ALA D 207 -9.78 0.92 -13.76
CA ALA D 207 -10.39 -0.11 -12.93
C ALA D 207 -11.67 0.41 -12.28
N SER D 208 -11.67 1.67 -11.86
CA SER D 208 -12.88 2.27 -11.30
C SER D 208 -14.00 2.25 -12.33
N ALA D 209 -13.67 2.54 -13.58
CA ALA D 209 -14.69 2.49 -14.63
C ALA D 209 -15.32 1.09 -14.74
N MET D 210 -14.48 0.06 -14.79
CA MET D 210 -14.97 -1.31 -14.92
C MET D 210 -15.79 -1.72 -13.71
N MET D 211 -15.33 -1.33 -12.52
CA MET D 211 -16.01 -1.74 -11.30
C MET D 211 -17.34 -1.05 -11.14
N VAL D 212 -17.51 0.13 -11.76
CA VAL D 212 -18.85 0.70 -11.74
C VAL D 212 -19.73 0.08 -12.82
N GLU D 213 -19.16 -0.30 -13.96
CA GLU D 213 -20.03 -0.84 -15.02
C GLU D 213 -20.46 -2.27 -14.73
N SER D 214 -19.69 -3.00 -13.93
CA SER D 214 -20.09 -4.36 -13.58
C SER D 214 -19.61 -4.70 -12.17
N ARG D 215 -20.09 -5.84 -11.66
CA ARG D 215 -19.81 -6.22 -10.28
C ARG D 215 -18.44 -6.86 -10.16
N TYR D 216 -17.69 -6.42 -9.15
CA TYR D 216 -16.39 -6.99 -8.85
C TYR D 216 -16.29 -7.30 -7.36
N ALA D 217 -15.46 -8.29 -7.03
CA ALA D 217 -15.34 -8.76 -5.66
C ALA D 217 -14.02 -8.38 -4.99
N LEU D 218 -12.90 -8.49 -5.69
CA LEU D 218 -11.64 -8.09 -5.07
C LEU D 218 -10.68 -7.58 -6.14
N LEU D 219 -9.84 -6.64 -5.73
CA LEU D 219 -8.73 -6.14 -6.53
C LEU D 219 -7.43 -6.66 -5.93
N ILE D 220 -6.48 -7.02 -6.79
CA ILE D 220 -5.20 -7.56 -6.36
C ILE D 220 -4.10 -6.74 -7.00
N VAL D 221 -3.28 -6.11 -6.18
CA VAL D 221 -2.12 -5.36 -6.66
C VAL D 221 -0.88 -6.14 -6.23
N ASP D 222 -0.40 -7.01 -7.10
CA ASP D 222 0.76 -7.84 -6.80
C ASP D 222 2.00 -6.97 -6.94
N SER D 223 2.79 -6.94 -5.87
CA SER D 223 3.96 -6.06 -5.80
C SER D 223 3.51 -4.61 -5.89
N ALA D 224 2.77 -4.14 -4.90
CA ALA D 224 2.33 -2.76 -4.85
C ALA D 224 3.47 -1.78 -4.62
N THR D 225 4.62 -2.26 -4.16
CA THR D 225 5.77 -1.42 -3.86
C THR D 225 7.03 -1.77 -4.63
N ALA D 226 6.97 -2.75 -5.53
CA ALA D 226 8.18 -3.19 -6.21
C ALA D 226 8.72 -2.13 -7.15
N LEU D 227 7.83 -1.39 -7.82
CA LEU D 227 8.29 -0.44 -8.82
C LEU D 227 8.84 0.83 -8.20
N TYR D 228 8.38 1.20 -7.01
CA TYR D 228 8.87 2.41 -6.35
C TYR D 228 10.34 2.29 -5.99
N ARG D 229 10.74 1.14 -5.44
CA ARG D 229 12.11 0.93 -4.97
C ARG D 229 13.15 1.33 -6.01
N THR D 230 12.83 1.16 -7.29
CA THR D 230 13.79 1.48 -8.34
C THR D 230 13.37 2.67 -9.19
N ASP D 231 12.10 3.06 -9.19
CA ASP D 231 11.72 4.30 -9.88
C ASP D 231 12.27 5.52 -9.15
N TYR D 232 12.27 5.48 -7.81
CA TYR D 232 12.73 6.62 -7.02
C TYR D 232 14.05 6.25 -6.36
N SER D 233 15.14 6.65 -7.02
CA SER D 233 16.51 6.38 -6.49
C SER D 233 16.83 7.35 -5.35
N GLY D 234 16.39 7.02 -4.12
CA GLY D 234 16.59 7.88 -2.95
C GLY D 234 17.98 7.70 -2.33
N ARG D 235 18.33 8.52 -1.34
CA ARG D 235 17.44 9.56 -0.75
C ARG D 235 17.54 10.84 -1.59
N GLY D 236 16.70 11.82 -1.31
CA GLY D 236 16.65 13.03 -2.14
C GLY D 236 15.45 12.91 -3.07
N GLU D 237 15.04 11.67 -3.32
CA GLU D 237 13.86 11.30 -4.13
C GLU D 237 12.91 10.56 -3.17
N LEU D 238 13.42 10.21 -1.98
CA LEU D 238 12.61 9.53 -0.97
C LEU D 238 11.30 10.23 -0.59
N SER D 239 11.35 11.55 -0.35
CA SER D 239 10.15 12.26 0.04
C SER D 239 9.09 12.23 -1.05
N ALA D 240 9.47 12.29 -2.31
CA ALA D 240 8.53 12.18 -3.42
C ALA D 240 8.00 10.78 -3.59
N ARG D 241 8.84 9.77 -3.40
CA ARG D 241 8.39 8.38 -3.44
C ARG D 241 7.31 8.14 -2.42
N GLN D 242 7.52 8.59 -1.19
CA GLN D 242 6.54 8.37 -0.14
C GLN D 242 5.25 9.13 -0.43
N MET D 243 5.36 10.33 -0.99
CA MET D 243 4.17 11.10 -1.33
C MET D 243 3.36 10.43 -2.43
N HIS D 244 4.03 9.81 -3.40
CA HIS D 244 3.32 9.06 -4.42
C HIS D 244 2.65 7.81 -3.87
N LEU D 245 3.34 7.07 -3.00
CA LEU D 245 2.71 5.94 -2.33
C LEU D 245 1.46 6.36 -1.56
N ALA D 246 1.53 7.47 -0.86
CA ALA D 246 0.41 7.94 -0.06
C ALA D 246 -0.83 8.13 -0.92
N ARG D 247 -0.65 8.78 -2.08
CA ARG D 247 -1.77 9.02 -2.98
C ARG D 247 -2.31 7.72 -3.56
N PHE D 248 -1.41 6.81 -3.93
CA PHE D 248 -1.87 5.51 -4.44
C PHE D 248 -2.72 4.77 -3.41
N LEU D 249 -2.26 4.70 -2.17
CA LEU D 249 -3.03 4.04 -1.13
C LEU D 249 -4.32 4.77 -0.81
N ARG D 250 -4.32 6.11 -0.86
CA ARG D 250 -5.55 6.86 -0.66
C ARG D 250 -6.58 6.57 -1.73
N MET D 251 -6.15 6.38 -2.98
CA MET D 251 -7.07 5.99 -4.03
C MET D 251 -7.60 4.58 -3.85
N LEU D 252 -6.74 3.65 -3.45
CA LEU D 252 -7.21 2.30 -3.14
C LEU D 252 -8.26 2.33 -2.02
N LEU D 253 -8.05 3.19 -1.02
CA LEU D 253 -9.00 3.27 0.08
C LEU D 253 -10.37 3.72 -0.39
N ARG D 254 -10.43 4.71 -1.27
CA ARG D 254 -11.71 5.15 -1.79
C ARG D 254 -12.37 4.10 -2.66
N LEU D 255 -11.60 3.40 -3.50
CA LEU D 255 -12.17 2.28 -4.25
C LEU D 255 -12.81 1.27 -3.31
N ALA D 256 -12.10 0.89 -2.25
CA ALA D 256 -12.64 -0.06 -1.30
C ALA D 256 -13.91 0.46 -0.64
N ASP D 257 -13.90 1.70 -0.16
CA ASP D 257 -15.05 2.28 0.52
C ASP D 257 -16.27 2.44 -0.36
N GLU D 258 -16.09 2.71 -1.66
CA GLU D 258 -17.24 3.02 -2.51
C GLU D 258 -17.67 1.82 -3.33
N PHE D 259 -16.94 0.71 -3.29
CA PHE D 259 -17.39 -0.44 -4.05
C PHE D 259 -17.45 -1.71 -3.23
N GLY D 260 -17.07 -1.65 -1.95
CA GLY D 260 -17.12 -2.81 -1.10
C GLY D 260 -16.20 -3.93 -1.52
N VAL D 261 -15.23 -3.68 -2.40
CA VAL D 261 -14.32 -4.73 -2.83
C VAL D 261 -13.24 -4.93 -1.78
N ALA D 262 -12.67 -6.13 -1.73
CA ALA D 262 -11.52 -6.38 -0.90
C ALA D 262 -10.24 -6.04 -1.68
N VAL D 263 -9.34 -5.31 -1.04
CA VAL D 263 -8.08 -4.93 -1.64
C VAL D 263 -6.97 -5.70 -0.96
N VAL D 264 -6.23 -6.48 -1.74
CA VAL D 264 -5.11 -7.27 -1.26
C VAL D 264 -3.86 -6.85 -2.01
N ILE D 265 -2.86 -6.37 -1.27
CA ILE D 265 -1.61 -5.94 -1.84
C ILE D 265 -0.49 -6.79 -1.25
N THR D 266 0.60 -6.92 -2.00
CA THR D 266 1.78 -7.62 -1.54
C THR D 266 2.89 -6.61 -1.35
N ASN D 267 3.91 -7.01 -0.59
CA ASN D 267 4.96 -6.08 -0.21
C ASN D 267 6.28 -6.83 -0.13
N GLN D 268 7.35 -6.18 -0.61
CA GLN D 268 8.67 -6.77 -0.54
C GLN D 268 9.33 -6.45 0.81
N VAL D 269 10.59 -6.84 0.94
CA VAL D 269 11.28 -6.84 2.22
C VAL D 269 12.69 -6.31 2.02
N VAL D 270 13.19 -5.54 3.01
CA VAL D 270 14.60 -5.16 3.08
C VAL D 270 15.29 -5.93 4.19
N ALA D 271 16.61 -5.83 4.25
CA ALA D 271 17.33 -6.40 5.38
C ALA D 271 17.71 -5.29 6.36
N GLN D 272 17.19 -5.40 7.58
CA GLN D 272 17.43 -4.41 8.61
C GLN D 272 18.85 -4.53 9.13
N VAL D 273 19.66 -3.52 8.86
CA VAL D 273 21.09 -3.54 9.14
C VAL D 273 21.39 -2.54 10.24
N ASP D 274 21.39 -3.00 11.48
CA ASP D 274 21.77 -2.15 12.61
C ASP D 274 22.83 -2.85 13.45
N GLY D 275 22.74 -4.18 13.54
CA GLY D 275 23.67 -4.95 14.34
C GLY D 275 23.04 -5.47 15.62
N PRO D 283 15.17 -9.97 11.04
CA PRO D 283 15.26 -8.54 10.76
C PRO D 283 14.79 -8.20 9.35
N LYS D 284 13.48 -8.32 9.10
CA LYS D 284 12.94 -8.18 7.77
C LYS D 284 12.40 -6.77 7.59
N LYS D 285 11.41 -6.34 8.38
CA LYS D 285 10.93 -4.96 8.30
C LYS D 285 10.52 -4.55 6.91
N PRO D 286 9.32 -4.92 6.45
CA PRO D 286 8.91 -4.66 5.06
C PRO D 286 9.09 -3.21 4.65
N ILE D 287 9.12 -3.01 3.33
CA ILE D 287 9.43 -1.72 2.76
C ILE D 287 8.17 -0.87 2.71
N GLY D 288 8.34 0.43 2.48
CA GLY D 288 7.25 1.37 2.45
C GLY D 288 7.24 2.33 3.60
N GLY D 289 7.70 1.93 4.77
CA GLY D 289 7.78 2.83 5.90
C GLY D 289 6.44 3.08 6.56
N ASN D 290 6.42 4.17 7.33
CA ASN D 290 5.25 4.50 8.13
C ASN D 290 4.03 4.80 7.27
N ILE D 291 4.23 5.22 6.03
CA ILE D 291 3.09 5.55 5.19
C ILE D 291 2.28 4.32 4.82
N ILE D 292 2.92 3.19 4.54
CA ILE D 292 2.16 1.97 4.26
C ILE D 292 1.79 1.26 5.56
N ALA D 293 2.64 1.37 6.59
CA ALA D 293 2.34 0.72 7.85
C ALA D 293 1.06 1.26 8.47
N HIS D 294 0.87 2.58 8.40
CA HIS D 294 -0.35 3.17 8.94
C HIS D 294 -1.55 2.90 8.04
N ALA D 295 -1.36 2.97 6.73
CA ALA D 295 -2.46 2.85 5.79
C ALA D 295 -3.06 1.46 5.79
N SER D 296 -2.23 0.42 5.78
CA SER D 296 -2.75 -0.94 5.74
C SER D 296 -3.54 -1.27 7.01
N THR D 297 -4.69 -1.91 6.82
CA THR D 297 -5.52 -2.30 7.95
C THR D 297 -5.08 -3.61 8.59
N THR D 298 -4.83 -4.63 7.79
CA THR D 298 -4.34 -5.91 8.28
C THR D 298 -3.09 -6.28 7.50
N ARG D 299 -2.09 -6.78 8.21
CA ARG D 299 -0.86 -7.23 7.59
C ARG D 299 -0.59 -8.66 7.99
N LEU D 300 -0.08 -9.44 7.03
CA LEU D 300 0.23 -10.84 7.25
C LEU D 300 1.70 -11.06 6.90
N TYR D 301 2.46 -11.58 7.85
CA TYR D 301 3.88 -11.84 7.66
C TYR D 301 4.06 -13.33 7.36
N LEU D 302 4.55 -13.64 6.17
CA LEU D 302 4.71 -15.02 5.73
C LEU D 302 6.15 -15.49 5.90
N ARG D 303 6.30 -16.75 6.27
CA ARG D 303 7.61 -17.33 6.53
C ARG D 303 7.76 -18.60 5.71
N LYS D 304 8.96 -19.16 5.73
CA LYS D 304 9.28 -20.39 5.02
C LYS D 304 9.44 -21.50 6.04
N GLY D 305 8.63 -22.55 5.90
CA GLY D 305 8.75 -23.72 6.74
C GLY D 305 9.46 -24.85 6.04
N ARG D 306 9.06 -26.07 6.37
CA ARG D 306 9.64 -27.24 5.74
C ARG D 306 8.86 -27.61 4.48
N GLY D 307 9.59 -27.89 3.41
CA GLY D 307 8.96 -28.34 2.18
C GLY D 307 8.01 -27.29 1.63
N GLU D 308 6.73 -27.66 1.54
CA GLU D 308 5.71 -26.75 1.04
C GLU D 308 5.07 -25.94 2.16
N THR D 309 5.31 -26.32 3.41
CA THR D 309 4.66 -25.67 4.53
C THR D 309 5.18 -24.25 4.71
N ARG D 310 4.25 -23.32 4.93
CA ARG D 310 4.59 -21.95 5.27
C ARG D 310 3.86 -21.56 6.54
N ILE D 311 4.37 -20.52 7.20
CA ILE D 311 3.77 -20.00 8.42
C ILE D 311 3.29 -18.59 8.16
N CYS D 312 2.03 -18.32 8.51
CA CYS D 312 1.41 -17.00 8.35
C CYS D 312 1.10 -16.45 9.73
N GLN D 313 1.70 -15.31 10.05
CA GLN D 313 1.55 -14.68 11.36
C GLN D 313 0.79 -13.38 11.20
N ILE D 314 -0.15 -13.12 12.11
CA ILE D 314 -0.93 -11.90 12.08
C ILE D 314 -0.06 -10.74 12.52
N TYR D 315 -0.18 -9.62 11.83
CA TYR D 315 0.72 -8.48 11.96
C TYR D 315 -0.17 -7.24 11.85
N ASP D 316 -0.35 -6.53 12.96
CA ASP D 316 -1.14 -5.29 12.94
C ASP D 316 -2.57 -5.49 12.45
N SER D 317 -3.39 -6.19 13.21
CA SER D 317 -4.82 -6.13 12.97
C SER D 317 -5.53 -5.76 14.26
N PRO D 318 -6.48 -4.83 14.23
CA PRO D 318 -7.16 -4.44 15.48
C PRO D 318 -7.90 -5.58 16.16
N CYS D 319 -8.87 -6.13 15.45
CA CYS D 319 -9.79 -7.12 16.00
C CYS D 319 -9.10 -8.47 16.22
N LEU D 320 -8.27 -8.87 15.27
CA LEU D 320 -7.60 -10.16 15.36
C LEU D 320 -6.46 -10.11 16.36
N PRO D 321 -6.37 -11.05 17.29
CA PRO D 321 -5.21 -11.11 18.19
C PRO D 321 -4.01 -11.66 17.45
N GLU D 322 -2.82 -11.36 17.98
CA GLU D 322 -1.61 -11.82 17.32
C GLU D 322 -1.44 -13.32 17.49
N ALA D 323 -1.32 -14.02 16.38
CA ALA D 323 -1.18 -15.47 16.37
C ALA D 323 -0.60 -15.86 15.01
N GLU D 324 -0.34 -17.15 14.86
CA GLU D 324 0.20 -17.66 13.60
C GLU D 324 -0.35 -19.06 13.35
N ALA D 325 -0.26 -19.47 12.09
CA ALA D 325 -0.83 -20.74 11.65
C ALA D 325 -0.02 -21.23 10.46
N MET D 326 -0.21 -22.50 10.12
CA MET D 326 0.55 -23.11 9.05
C MET D 326 -0.34 -23.44 7.85
N PHE D 327 0.28 -23.47 6.68
CA PHE D 327 -0.40 -23.81 5.44
C PHE D 327 0.65 -24.25 4.43
N ALA D 328 0.20 -24.85 3.34
CA ALA D 328 1.09 -25.43 2.35
C ALA D 328 0.71 -24.97 0.95
N ILE D 329 1.70 -25.02 0.06
CA ILE D 329 1.50 -24.68 -1.35
C ILE D 329 1.47 -25.96 -2.17
N ASN D 330 0.27 -26.41 -2.53
CA ASN D 330 0.11 -27.67 -3.23
C ASN D 330 0.06 -27.44 -4.73
N ALA D 331 -0.26 -28.48 -5.49
CA ALA D 331 -0.46 -28.33 -6.94
C ALA D 331 -1.80 -27.68 -7.26
N ASP D 332 -2.62 -27.41 -6.24
CA ASP D 332 -3.91 -26.77 -6.38
C ASP D 332 -4.03 -25.49 -5.55
N GLY D 333 -2.92 -24.80 -5.33
CA GLY D 333 -2.94 -23.56 -4.58
C GLY D 333 -2.73 -23.73 -3.10
N VAL D 334 -3.17 -22.75 -2.31
CA VAL D 334 -2.94 -22.75 -0.87
C VAL D 334 -3.65 -23.96 -0.25
N GLY D 335 -2.98 -24.65 0.66
CA GLY D 335 -3.55 -25.83 1.26
C GLY D 335 -3.27 -25.94 2.74
N ASP D 336 -2.99 -27.15 3.23
CA ASP D 336 -2.94 -27.41 4.66
C ASP D 336 -1.80 -28.30 5.12
N ALA D 337 -1.04 -28.92 4.22
CA ALA D 337 -0.07 -29.93 4.61
C ALA D 337 -0.77 -31.08 5.32
N LYS D 338 -1.59 -31.89 4.63
CA LYS D 338 -1.61 -32.14 3.17
C LYS D 338 -0.20 -32.35 2.58
#